data_7QRV
#
_entry.id   7QRV
#
_cell.length_a   68.669
_cell.length_b   89.242
_cell.length_c   86.725
_cell.angle_alpha   90.000
_cell.angle_beta   106.990
_cell.angle_gamma   90.000
#
_symmetry.space_group_name_H-M   'P 1 21 1'
#
loop_
_entity.id
_entity.type
_entity.pdbx_description
1 polymer 'Tripartite motif-containing protein 2'
2 non-polymer 1,2-ETHANEDIOL
3 water water
#
_entity_poly.entity_id   1
_entity_poly.type   'polypeptide(L)'
_entity_poly.pdbx_seq_one_letter_code
;SMNPIEDDLIFRVGTKGRNKGEFTNLQGVAASTNGKILIADSNNQCVQIFSNDGQFKSRFGIRGRSPGQLQRPTGVAVHP
SGDIIIADYDNKWVSIFSSDGKFKTKIGSGKLMGPKGVSVDRNGHIIVVDNKACCVFIFQPNGKIVTRFGSRGNGDRQFA
GPHFAAVNSNNEIIITDFHNHSVKVFNQEGEFMLKFGSNGEGNGQFNAPTGVAVDSNGNIIVADWGNSRIQVFDGSGSFL
SYINTSADPLYGPQGLALTSDGHVVVADSGNHCFKVYRYLQ
;
_entity_poly.pdbx_strand_id   A,B,C,D
#
loop_
_chem_comp.id
_chem_comp.type
_chem_comp.name
_chem_comp.formula
EDO non-polymer 1,2-ETHANEDIOL 'C2 H6 O2'
#
# COMPACT_ATOMS: atom_id res chain seq x y z
N PRO A 4 1.36 12.65 -13.28
CA PRO A 4 0.37 12.34 -14.32
C PRO A 4 -1.02 12.24 -13.67
N ILE A 5 -1.90 13.19 -13.95
CA ILE A 5 -3.14 13.40 -13.15
C ILE A 5 -4.26 12.51 -13.68
N GLU A 6 -4.36 12.32 -15.02
CA GLU A 6 -5.46 11.51 -15.60
C GLU A 6 -4.94 10.44 -16.54
N ASP A 7 -5.65 9.33 -16.59
CA ASP A 7 -5.34 8.22 -17.51
C ASP A 7 -6.70 7.67 -17.97
N ASP A 8 -6.74 6.38 -18.37
CA ASP A 8 -7.97 5.76 -18.89
C ASP A 8 -8.85 5.17 -17.77
N LEU A 9 -8.46 5.34 -16.50
CA LEU A 9 -9.22 4.76 -15.38
C LEU A 9 -10.56 5.46 -15.24
N ILE A 10 -11.62 4.70 -15.16
CA ILE A 10 -12.97 5.24 -14.81
C ILE A 10 -13.11 5.21 -13.32
N PHE A 11 -12.97 4.05 -12.71
CA PHE A 11 -13.14 3.91 -11.24
C PHE A 11 -12.38 2.69 -10.76
N ARG A 12 -12.14 2.64 -9.46
CA ARG A 12 -11.56 1.49 -8.77
C ARG A 12 -12.41 1.14 -7.56
N VAL A 13 -12.46 -0.13 -7.25
CA VAL A 13 -13.24 -0.66 -6.12
C VAL A 13 -12.36 -1.63 -5.35
N GLY A 14 -12.33 -1.49 -4.06
CA GLY A 14 -11.75 -2.47 -3.17
C GLY A 14 -10.67 -1.94 -2.27
N THR A 15 -10.57 -2.52 -1.10
CA THR A 15 -9.43 -2.37 -0.19
C THR A 15 -9.15 -3.72 0.43
N LYS A 16 -8.05 -3.84 1.15
CA LYS A 16 -7.62 -5.10 1.73
C LYS A 16 -8.59 -5.49 2.84
N GLY A 17 -9.04 -6.74 2.83
CA GLY A 17 -9.86 -7.27 3.93
C GLY A 17 -10.69 -8.43 3.52
N ARG A 18 -11.55 -8.88 4.43
CA ARG A 18 -12.35 -10.10 4.24
C ARG A 18 -13.84 -9.76 4.20
N ASN A 19 -14.24 -8.50 4.29
CA ASN A 19 -15.66 -8.16 4.26
C ASN A 19 -16.10 -7.82 2.85
N LYS A 20 -17.39 -7.61 2.65
CA LYS A 20 -17.91 -7.29 1.32
C LYS A 20 -17.17 -6.08 0.76
N GLY A 21 -16.80 -6.14 -0.50
CA GLY A 21 -16.10 -5.04 -1.17
C GLY A 21 -14.65 -4.99 -0.82
N GLU A 22 -14.16 -5.96 -0.09
CA GLU A 22 -12.73 -6.05 0.28
C GLU A 22 -12.16 -7.31 -0.34
N PHE A 23 -10.85 -7.34 -0.49
CA PHE A 23 -10.13 -8.44 -1.11
C PHE A 23 -8.86 -8.78 -0.36
N THR A 24 -8.42 -10.03 -0.46
CA THR A 24 -7.08 -10.46 -0.02
C THR A 24 -6.23 -10.80 -1.24
N ASN A 25 -6.72 -11.65 -2.16
CA ASN A 25 -5.92 -12.06 -3.32
C ASN A 25 -6.84 -12.13 -4.53
N LEU A 26 -7.02 -11.00 -5.22
CA LEU A 26 -7.85 -11.02 -6.47
C LEU A 26 -7.16 -11.93 -7.48
N GLN A 27 -7.91 -12.77 -8.15
CA GLN A 27 -7.41 -13.70 -9.17
C GLN A 27 -8.22 -13.49 -10.44
N GLY A 28 -9.13 -14.39 -10.75
CA GLY A 28 -9.94 -14.28 -11.95
C GLY A 28 -10.93 -13.14 -11.91
N VAL A 29 -11.19 -12.61 -13.10
CA VAL A 29 -12.19 -11.55 -13.34
C VAL A 29 -13.05 -12.01 -14.51
N ALA A 30 -14.34 -11.90 -14.39
CA ALA A 30 -15.26 -12.15 -15.50
C ALA A 30 -16.26 -11.02 -15.59
N ALA A 31 -16.88 -10.89 -16.72
CA ALA A 31 -17.91 -9.88 -16.95
C ALA A 31 -19.04 -10.50 -17.76
N SER A 32 -20.28 -10.26 -17.39
CA SER A 32 -21.43 -10.93 -17.99
C SER A 32 -22.16 -10.00 -18.96
N THR A 33 -22.99 -10.63 -19.77
CA THR A 33 -23.93 -9.89 -20.65
C THR A 33 -25.07 -9.25 -19.84
N ASN A 34 -25.29 -9.62 -18.61
CA ASN A 34 -26.28 -8.93 -17.75
C ASN A 34 -25.65 -7.75 -17.01
N GLY A 35 -24.45 -7.35 -17.38
CA GLY A 35 -23.87 -6.12 -16.83
C GLY A 35 -23.27 -6.29 -15.46
N LYS A 36 -22.69 -7.43 -15.19
CA LYS A 36 -22.03 -7.72 -13.89
C LYS A 36 -20.53 -7.93 -14.11
N ILE A 37 -19.80 -7.64 -13.06
CA ILE A 37 -18.36 -7.93 -12.93
C ILE A 37 -18.17 -8.88 -11.80
N LEU A 38 -17.47 -9.97 -12.03
CA LEU A 38 -17.28 -11.04 -11.04
C LEU A 38 -15.81 -11.15 -10.72
N ILE A 39 -15.47 -11.22 -9.46
CA ILE A 39 -14.07 -11.26 -8.97
C ILE A 39 -13.91 -12.49 -8.09
N ALA A 40 -13.01 -13.37 -8.42
CA ALA A 40 -12.65 -14.52 -7.58
C ALA A 40 -11.49 -14.10 -6.69
N ASP A 41 -11.53 -14.46 -5.41
CA ASP A 41 -10.47 -14.16 -4.41
C ASP A 41 -9.98 -15.46 -3.86
N SER A 42 -8.75 -15.83 -4.17
CA SER A 42 -8.26 -17.17 -3.82
C SER A 42 -8.08 -17.29 -2.31
N ASN A 43 -7.81 -16.20 -1.60
CA ASN A 43 -7.48 -16.26 -0.16
C ASN A 43 -8.70 -15.97 0.70
N ASN A 44 -9.70 -15.29 0.20
CA ASN A 44 -10.98 -15.07 0.91
C ASN A 44 -11.96 -16.22 0.58
N GLN A 45 -11.65 -17.05 -0.44
CA GLN A 45 -12.45 -18.22 -0.83
C GLN A 45 -13.86 -17.76 -1.21
N CYS A 46 -13.95 -16.78 -2.10
CA CYS A 46 -15.26 -16.24 -2.52
C CYS A 46 -15.24 -15.63 -3.89
N VAL A 47 -16.40 -15.48 -4.42
CA VAL A 47 -16.66 -14.71 -5.66
C VAL A 47 -17.54 -13.55 -5.26
N GLN A 48 -17.21 -12.36 -5.63
CA GLN A 48 -18.03 -11.17 -5.40
C GLN A 48 -18.49 -10.62 -6.75
N ILE A 49 -19.74 -10.23 -6.81
CA ILE A 49 -20.44 -9.76 -8.02
C ILE A 49 -20.80 -8.31 -7.84
N PHE A 50 -20.42 -7.50 -8.81
CA PHE A 50 -20.62 -6.05 -8.82
C PHE A 50 -21.37 -5.70 -10.11
N SER A 51 -22.05 -4.57 -10.13
CA SER A 51 -22.54 -4.02 -11.39
C SER A 51 -21.36 -3.54 -12.21
N ASN A 52 -21.62 -3.28 -13.48
CA ASN A 52 -20.62 -2.69 -14.38
C ASN A 52 -20.16 -1.33 -13.89
N ASP A 53 -20.96 -0.62 -13.10
CA ASP A 53 -20.57 0.70 -12.53
C ASP A 53 -19.92 0.55 -11.16
N GLY A 54 -19.61 -0.65 -10.72
CA GLY A 54 -18.79 -0.89 -9.50
C GLY A 54 -19.59 -1.10 -8.23
N GLN A 55 -20.91 -1.04 -8.28
CA GLN A 55 -21.72 -1.23 -7.06
C GLN A 55 -21.73 -2.69 -6.66
N PHE A 56 -21.56 -2.97 -5.39
CA PHE A 56 -21.62 -4.34 -4.87
C PHE A 56 -23.02 -4.93 -5.09
N LYS A 57 -23.13 -6.15 -5.57
CA LYS A 57 -24.42 -6.86 -5.67
C LYS A 57 -24.47 -8.04 -4.71
N SER A 58 -23.54 -8.97 -4.78
CA SER A 58 -23.65 -10.21 -4.00
C SER A 58 -22.30 -10.89 -3.86
N ARG A 59 -22.17 -11.80 -2.93
CA ARG A 59 -20.94 -12.57 -2.64
C ARG A 59 -21.36 -14.00 -2.37
N PHE A 60 -20.62 -14.99 -2.77
CA PHE A 60 -20.82 -16.36 -2.32
C PHE A 60 -19.48 -17.06 -2.25
N GLY A 61 -19.45 -18.17 -1.56
CA GLY A 61 -18.25 -19.00 -1.40
C GLY A 61 -18.07 -19.46 0.01
N ILE A 62 -18.09 -20.75 0.20
CA ILE A 62 -17.91 -21.43 1.51
C ILE A 62 -16.53 -22.04 1.52
N ARG A 63 -15.64 -21.68 2.42
CA ARG A 63 -14.30 -22.24 2.49
C ARG A 63 -14.41 -23.75 2.71
N GLY A 64 -13.61 -24.51 1.98
CA GLY A 64 -13.32 -25.90 2.31
C GLY A 64 -12.96 -26.74 1.11
N ARG A 65 -12.84 -28.03 1.33
CA ARG A 65 -12.24 -28.99 0.40
C ARG A 65 -13.30 -29.95 -0.15
N SER A 66 -14.56 -29.79 0.21
CA SER A 66 -15.64 -30.67 -0.27
C SER A 66 -16.32 -30.07 -1.49
N PRO A 67 -16.99 -30.88 -2.33
CA PRO A 67 -17.78 -30.38 -3.42
C PRO A 67 -18.79 -29.32 -2.97
N GLY A 68 -18.80 -28.21 -3.65
CA GLY A 68 -19.63 -27.05 -3.34
C GLY A 68 -18.90 -26.03 -2.49
N GLN A 69 -17.70 -26.32 -2.02
CA GLN A 69 -16.85 -25.39 -1.27
C GLN A 69 -15.73 -24.86 -2.19
N LEU A 70 -15.07 -23.82 -1.72
CA LEU A 70 -13.96 -23.16 -2.42
C LEU A 70 -12.74 -23.17 -1.51
N GLN A 71 -11.58 -23.51 -1.99
CA GLN A 71 -10.34 -23.52 -1.20
C GLN A 71 -9.34 -22.53 -1.75
N ARG A 72 -9.03 -22.61 -3.02
CA ARG A 72 -8.15 -21.59 -3.67
CA ARG A 72 -8.15 -21.59 -3.67
C ARG A 72 -8.73 -21.28 -5.04
N PRO A 73 -9.86 -20.57 -5.08
CA PRO A 73 -10.51 -20.25 -6.34
C PRO A 73 -9.69 -19.26 -7.14
N THR A 74 -9.56 -19.54 -8.44
CA THR A 74 -8.65 -18.81 -9.34
C THR A 74 -9.46 -18.25 -10.48
N GLY A 75 -9.61 -19.03 -11.55
CA GLY A 75 -10.36 -18.56 -12.69
C GLY A 75 -11.85 -18.49 -12.44
N VAL A 76 -12.51 -17.55 -13.12
CA VAL A 76 -13.96 -17.44 -13.12
C VAL A 76 -14.43 -17.09 -14.50
N ALA A 77 -15.49 -17.73 -14.93
CA ALA A 77 -16.17 -17.42 -16.22
C ALA A 77 -17.65 -17.44 -16.01
N VAL A 78 -18.39 -16.73 -16.84
CA VAL A 78 -19.87 -16.85 -16.83
C VAL A 78 -20.28 -17.53 -18.10
N HIS A 79 -21.09 -18.58 -17.96
CA HIS A 79 -21.65 -19.33 -19.09
C HIS A 79 -22.77 -18.48 -19.69
N PRO A 80 -23.08 -18.62 -20.99
CA PRO A 80 -24.28 -17.95 -21.51
C PRO A 80 -25.59 -18.22 -20.76
N SER A 81 -25.68 -19.34 -20.07
CA SER A 81 -26.86 -19.73 -19.24
C SER A 81 -26.98 -18.80 -18.04
N GLY A 82 -25.91 -18.14 -17.63
CA GLY A 82 -25.81 -17.37 -16.39
C GLY A 82 -25.11 -18.15 -15.28
N ASP A 83 -24.84 -19.43 -15.48
CA ASP A 83 -24.09 -20.19 -14.47
C ASP A 83 -22.67 -19.60 -14.37
N ILE A 84 -22.11 -19.74 -13.19
CA ILE A 84 -20.76 -19.24 -12.87
C ILE A 84 -19.83 -20.43 -12.75
N ILE A 85 -18.73 -20.39 -13.48
CA ILE A 85 -17.73 -21.46 -13.55
C ILE A 85 -16.50 -21.02 -12.77
N ILE A 86 -16.05 -21.81 -11.81
CA ILE A 86 -14.93 -21.41 -10.92
CA ILE A 86 -14.93 -21.42 -10.92
C ILE A 86 -13.91 -22.54 -10.87
N ALA A 87 -12.66 -22.24 -11.24
CA ALA A 87 -11.54 -23.15 -11.10
C ALA A 87 -11.01 -23.08 -9.68
N ASP A 88 -10.56 -24.20 -9.16
CA ASP A 88 -9.98 -24.21 -7.82
C ASP A 88 -8.59 -24.86 -7.90
N TYR A 89 -7.56 -24.08 -7.66
CA TYR A 89 -6.17 -24.56 -7.77
C TYR A 89 -5.91 -25.69 -6.78
N ASP A 90 -6.47 -25.55 -5.59
CA ASP A 90 -6.16 -26.51 -4.47
C ASP A 90 -7.11 -27.69 -4.51
N ASN A 91 -8.40 -27.51 -4.78
CA ASN A 91 -9.34 -28.65 -4.84
C ASN A 91 -9.14 -29.42 -6.14
N LYS A 92 -8.50 -28.81 -7.12
CA LYS A 92 -8.11 -29.48 -8.39
CA LYS A 92 -8.12 -29.47 -8.39
C LYS A 92 -9.39 -29.89 -9.15
N TRP A 93 -10.36 -29.02 -9.20
CA TRP A 93 -11.57 -29.24 -10.01
C TRP A 93 -12.17 -27.91 -10.40
N VAL A 94 -13.08 -27.94 -11.32
CA VAL A 94 -13.80 -26.73 -11.76
C VAL A 94 -15.26 -26.91 -11.37
N SER A 95 -15.82 -25.96 -10.66
CA SER A 95 -17.22 -26.05 -10.20
C SER A 95 -18.11 -25.23 -11.12
N ILE A 96 -19.34 -25.68 -11.29
CA ILE A 96 -20.40 -24.92 -11.96
C ILE A 96 -21.44 -24.57 -10.93
N PHE A 97 -21.64 -23.30 -10.68
CA PHE A 97 -22.62 -22.75 -9.74
C PHE A 97 -23.74 -22.08 -10.52
N SER A 98 -24.90 -21.97 -9.89
CA SER A 98 -25.93 -21.07 -10.37
C SER A 98 -25.48 -19.62 -10.23
N SER A 99 -26.20 -18.69 -10.86
CA SER A 99 -25.93 -17.25 -10.74
C SER A 99 -26.09 -16.79 -9.27
N ASP A 100 -26.76 -17.55 -8.43
CA ASP A 100 -26.92 -17.22 -6.98
C ASP A 100 -25.98 -18.02 -6.09
N GLY A 101 -25.07 -18.80 -6.68
CA GLY A 101 -24.03 -19.50 -5.92
C GLY A 101 -24.42 -20.84 -5.40
N LYS A 102 -25.44 -21.47 -5.98
CA LYS A 102 -25.78 -22.88 -5.67
C LYS A 102 -24.87 -23.81 -6.50
N PHE A 103 -24.20 -24.71 -5.84
CA PHE A 103 -23.35 -25.72 -6.49
C PHE A 103 -24.20 -26.65 -7.36
N LYS A 104 -23.81 -26.88 -8.60
CA LYS A 104 -24.49 -27.80 -9.50
C LYS A 104 -23.62 -29.03 -9.71
N THR A 105 -22.39 -28.89 -10.18
CA THR A 105 -21.53 -30.05 -10.51
C THR A 105 -20.10 -29.56 -10.52
N LYS A 106 -19.17 -30.49 -10.51
CA LYS A 106 -17.75 -30.20 -10.72
C LYS A 106 -17.23 -31.08 -11.82
N ILE A 107 -16.26 -30.58 -12.54
CA ILE A 107 -15.60 -31.32 -13.62
C ILE A 107 -14.11 -31.35 -13.40
N GLY A 108 -13.45 -32.34 -13.98
CA GLY A 108 -12.00 -32.43 -13.95
C GLY A 108 -11.44 -33.14 -12.74
N SER A 109 -12.28 -33.62 -11.81
CA SER A 109 -11.76 -34.22 -10.57
CA SER A 109 -11.81 -34.26 -10.56
C SER A 109 -10.94 -35.46 -10.92
N GLY A 110 -9.74 -35.55 -10.37
CA GLY A 110 -8.81 -36.64 -10.63
C GLY A 110 -8.01 -36.42 -11.90
N LYS A 111 -8.30 -35.39 -12.70
CA LYS A 111 -7.62 -35.14 -13.99
C LYS A 111 -6.72 -33.92 -13.88
N LEU A 112 -7.12 -32.93 -13.11
CA LEU A 112 -6.41 -31.63 -13.04
C LEU A 112 -5.37 -31.63 -11.94
N MET A 113 -4.28 -30.92 -12.17
CA MET A 113 -3.24 -30.73 -11.13
C MET A 113 -3.39 -29.39 -10.40
N GLY A 114 -3.73 -28.32 -11.09
CA GLY A 114 -3.76 -26.98 -10.46
C GLY A 114 -4.30 -25.96 -11.44
N PRO A 115 -5.62 -25.86 -11.58
CA PRO A 115 -6.19 -25.01 -12.62
C PRO A 115 -6.20 -23.54 -12.21
N LYS A 116 -6.11 -22.72 -13.26
CA LYS A 116 -6.28 -21.25 -13.13
C LYS A 116 -7.38 -20.80 -14.07
N GLY A 117 -7.06 -20.35 -15.28
CA GLY A 117 -8.08 -19.83 -16.20
C GLY A 117 -9.15 -20.81 -16.58
N VAL A 118 -10.34 -20.26 -16.81
CA VAL A 118 -11.49 -21.02 -17.36
CA VAL A 118 -11.47 -21.03 -17.38
C VAL A 118 -12.22 -20.14 -18.35
N SER A 119 -12.68 -20.74 -19.42
CA SER A 119 -13.50 -19.99 -20.42
CA SER A 119 -13.46 -20.01 -20.44
C SER A 119 -14.51 -20.96 -21.02
N VAL A 120 -15.44 -20.41 -21.76
CA VAL A 120 -16.45 -21.22 -22.46
C VAL A 120 -16.31 -20.94 -23.95
N ASP A 121 -16.24 -21.96 -24.77
CA ASP A 121 -16.02 -21.74 -26.21
C ASP A 121 -17.39 -21.63 -26.90
N ARG A 122 -17.35 -21.40 -28.21
CA ARG A 122 -18.57 -20.99 -28.94
C ARG A 122 -19.51 -22.20 -28.99
N ASN A 123 -19.01 -23.40 -28.75
CA ASN A 123 -19.78 -24.67 -28.79
C ASN A 123 -20.21 -25.12 -27.39
N GLY A 124 -19.90 -24.34 -26.38
CA GLY A 124 -20.32 -24.65 -24.99
C GLY A 124 -19.29 -25.50 -24.23
N HIS A 125 -18.15 -25.82 -24.84
CA HIS A 125 -17.07 -26.55 -24.14
C HIS A 125 -16.51 -25.66 -23.04
N ILE A 126 -16.07 -26.29 -21.95
CA ILE A 126 -15.38 -25.54 -20.88
C ILE A 126 -13.87 -25.73 -21.06
N ILE A 127 -13.19 -24.62 -21.29
CA ILE A 127 -11.72 -24.62 -21.48
CA ILE A 127 -11.72 -24.58 -21.48
C ILE A 127 -11.08 -24.37 -20.11
N VAL A 128 -10.17 -25.22 -19.73
CA VAL A 128 -9.53 -25.15 -18.39
C VAL A 128 -8.03 -25.11 -18.56
N VAL A 129 -7.43 -24.07 -18.03
CA VAL A 129 -5.97 -23.94 -18.04
C VAL A 129 -5.43 -24.62 -16.81
N ASP A 130 -4.67 -25.70 -17.01
CA ASP A 130 -4.07 -26.38 -15.86
C ASP A 130 -2.69 -25.79 -15.66
N ASN A 131 -2.61 -24.77 -14.83
CA ASN A 131 -1.37 -24.04 -14.57
C ASN A 131 -0.29 -25.01 -14.11
N LYS A 132 -0.62 -25.89 -13.16
CA LYS A 132 0.40 -26.76 -12.57
C LYS A 132 0.85 -27.84 -13.56
N ALA A 133 -0.09 -28.43 -14.32
CA ALA A 133 0.25 -29.50 -15.28
C ALA A 133 0.86 -28.87 -16.53
N CYS A 134 0.70 -27.58 -16.75
CA CYS A 134 1.20 -26.92 -17.99
C CYS A 134 0.51 -27.53 -19.20
N CYS A 135 -0.81 -27.56 -19.16
CA CYS A 135 -1.62 -28.00 -20.31
C CYS A 135 -2.99 -27.32 -20.24
N VAL A 136 -3.74 -27.48 -21.28
CA VAL A 136 -5.11 -26.96 -21.40
C VAL A 136 -6.03 -28.12 -21.73
N PHE A 137 -7.14 -28.17 -21.05
CA PHE A 137 -8.21 -29.16 -21.29
C PHE A 137 -9.37 -28.47 -21.95
N ILE A 138 -10.02 -29.20 -22.85
CA ILE A 138 -11.35 -28.82 -23.40
C ILE A 138 -12.33 -29.89 -22.94
N PHE A 139 -13.25 -29.51 -22.06
CA PHE A 139 -14.21 -30.45 -21.45
C PHE A 139 -15.58 -30.23 -22.08
N GLN A 140 -16.32 -31.34 -22.23
CA GLN A 140 -17.77 -31.27 -22.33
C GLN A 140 -18.31 -30.86 -20.97
N PRO A 141 -19.50 -30.21 -20.92
CA PRO A 141 -20.13 -29.89 -19.65
C PRO A 141 -20.37 -31.06 -18.70
N ASN A 142 -20.42 -32.28 -19.23
CA ASN A 142 -20.63 -33.52 -18.43
C ASN A 142 -19.30 -33.97 -17.81
N GLY A 143 -18.18 -33.27 -18.12
CA GLY A 143 -16.87 -33.60 -17.51
C GLY A 143 -16.02 -34.55 -18.35
N LYS A 144 -16.50 -35.00 -19.49
CA LYS A 144 -15.69 -35.81 -20.42
C LYS A 144 -14.68 -34.89 -21.11
N ILE A 145 -13.45 -35.37 -21.27
CA ILE A 145 -12.39 -34.63 -21.96
C ILE A 145 -12.59 -34.77 -23.45
N VAL A 146 -12.73 -33.65 -24.14
CA VAL A 146 -12.70 -33.63 -25.63
C VAL A 146 -11.26 -33.72 -26.09
N THR A 147 -10.40 -32.86 -25.55
CA THR A 147 -8.98 -32.92 -25.89
C THR A 147 -8.18 -32.19 -24.84
N ARG A 148 -6.91 -32.48 -24.86
CA ARG A 148 -5.96 -31.77 -24.00
C ARG A 148 -4.75 -31.46 -24.84
N PHE A 149 -4.15 -30.33 -24.61
CA PHE A 149 -2.96 -29.95 -25.37
C PHE A 149 -1.95 -29.28 -24.45
N GLY A 150 -0.68 -29.47 -24.78
CA GLY A 150 0.41 -28.84 -24.05
C GLY A 150 1.06 -29.78 -23.06
N SER A 151 2.28 -29.41 -22.71
CA SER A 151 3.07 -30.07 -21.68
C SER A 151 4.08 -29.05 -21.21
N ARG A 152 4.77 -29.32 -20.11
CA ARG A 152 5.66 -28.35 -19.46
C ARG A 152 6.89 -28.15 -20.32
N GLY A 153 7.23 -26.92 -20.66
CA GLY A 153 8.44 -26.62 -21.42
C GLY A 153 8.37 -25.24 -21.99
N ASN A 154 9.37 -24.95 -22.82
CA ASN A 154 9.62 -23.60 -23.35
C ASN A 154 9.24 -23.48 -24.81
N GLY A 155 8.89 -24.56 -25.46
CA GLY A 155 8.66 -24.54 -26.90
C GLY A 155 7.26 -24.09 -27.27
N ASP A 156 6.98 -23.93 -28.56
CA ASP A 156 5.68 -23.39 -29.03
C ASP A 156 4.52 -24.19 -28.49
N ARG A 157 4.60 -25.52 -28.50
CA ARG A 157 3.50 -26.43 -28.17
C ARG A 157 3.58 -26.85 -26.69
N GLN A 158 4.43 -26.15 -25.93
CA GLN A 158 4.54 -26.36 -24.46
C GLN A 158 4.04 -25.11 -23.75
N PHE A 159 3.93 -25.22 -22.44
CA PHE A 159 3.57 -24.08 -21.57
C PHE A 159 4.44 -24.11 -20.35
N ALA A 160 4.65 -22.98 -19.72
CA ALA A 160 5.39 -22.80 -18.45
C ALA A 160 4.49 -21.98 -17.54
N GLY A 161 3.66 -22.61 -16.72
CA GLY A 161 2.73 -21.87 -15.84
C GLY A 161 1.71 -21.06 -16.60
N PRO A 162 0.96 -21.67 -17.52
CA PRO A 162 -0.06 -20.93 -18.25
C PRO A 162 -1.09 -20.40 -17.25
N HIS A 163 -1.66 -19.25 -17.56
CA HIS A 163 -2.54 -18.53 -16.59
C HIS A 163 -3.97 -18.46 -17.11
N PHE A 164 -4.28 -17.58 -18.03
CA PHE A 164 -5.65 -17.25 -18.40
C PHE A 164 -5.94 -17.55 -19.85
N ALA A 165 -7.20 -17.50 -20.22
CA ALA A 165 -7.70 -17.92 -21.53
C ALA A 165 -8.75 -16.97 -22.05
N ALA A 166 -8.83 -16.88 -23.35
CA ALA A 166 -9.90 -16.15 -24.06
C ALA A 166 -10.24 -16.92 -25.32
N VAL A 167 -11.42 -16.68 -25.85
CA VAL A 167 -11.92 -17.36 -27.05
C VAL A 167 -12.42 -16.30 -28.00
N ASN A 168 -11.94 -16.28 -29.22
CA ASN A 168 -12.30 -15.23 -30.17
C ASN A 168 -13.49 -15.70 -31.03
N SER A 169 -13.93 -14.85 -31.95
CA SER A 169 -15.17 -15.05 -32.71
C SER A 169 -14.97 -16.23 -33.68
N ASN A 170 -13.73 -16.64 -33.94
CA ASN A 170 -13.44 -17.82 -34.79
C ASN A 170 -13.27 -19.11 -33.97
N ASN A 171 -13.59 -19.07 -32.68
CA ASN A 171 -13.49 -20.21 -31.74
C ASN A 171 -12.02 -20.62 -31.56
N GLU A 172 -11.10 -19.69 -31.76
CA GLU A 172 -9.69 -19.88 -31.43
C GLU A 172 -9.42 -19.55 -29.98
N ILE A 173 -8.56 -20.33 -29.39
CA ILE A 173 -8.26 -20.29 -27.94
C ILE A 173 -6.97 -19.52 -27.74
N ILE A 174 -6.97 -18.52 -26.89
CA ILE A 174 -5.82 -17.63 -26.58
C ILE A 174 -5.38 -17.88 -25.16
N ILE A 175 -4.13 -18.19 -24.94
CA ILE A 175 -3.59 -18.58 -23.61
C ILE A 175 -2.43 -17.68 -23.26
N THR A 176 -2.39 -17.16 -22.03
CA THR A 176 -1.20 -16.43 -21.55
C THR A 176 -0.20 -17.39 -20.94
N ASP A 177 0.97 -17.49 -21.51
CA ASP A 177 2.01 -18.46 -21.08
C ASP A 177 3.04 -17.74 -20.23
N PHE A 178 2.74 -17.58 -18.96
CA PHE A 178 3.40 -16.66 -18.02
C PHE A 178 4.90 -16.78 -18.08
N HIS A 179 5.46 -17.99 -17.77
CA HIS A 179 6.88 -18.10 -17.63
C HIS A 179 7.60 -18.28 -18.98
N ASN A 180 6.88 -18.33 -20.09
CA ASN A 180 7.47 -18.25 -21.45
C ASN A 180 7.30 -16.85 -22.04
N HIS A 181 6.70 -15.93 -21.33
CA HIS A 181 6.62 -14.52 -21.79
C HIS A 181 6.05 -14.49 -23.20
N SER A 182 4.93 -15.13 -23.44
CA SER A 182 4.26 -15.09 -24.75
C SER A 182 2.79 -15.37 -24.55
N VAL A 183 2.02 -14.96 -25.52
CA VAL A 183 0.60 -15.32 -25.66
C VAL A 183 0.52 -16.28 -26.83
N LYS A 184 -0.22 -17.32 -26.71
CA LYS A 184 -0.31 -18.39 -27.71
C LYS A 184 -1.74 -18.57 -28.18
N VAL A 185 -1.93 -18.76 -29.45
CA VAL A 185 -3.25 -18.93 -30.09
C VAL A 185 -3.35 -20.30 -30.73
N PHE A 186 -4.47 -20.97 -30.49
CA PHE A 186 -4.74 -22.33 -30.95
C PHE A 186 -6.05 -22.38 -31.69
N ASN A 187 -6.17 -23.33 -32.63
CA ASN A 187 -7.48 -23.58 -33.21
C ASN A 187 -8.38 -24.31 -32.21
N GLN A 188 -9.62 -24.55 -32.63
CA GLN A 188 -10.61 -25.12 -31.67
C GLN A 188 -10.28 -26.61 -31.36
N GLU A 189 -9.38 -27.23 -32.10
CA GLU A 189 -8.86 -28.62 -31.84
C GLU A 189 -7.68 -28.59 -30.89
N GLY A 190 -7.22 -27.40 -30.50
CA GLY A 190 -6.08 -27.23 -29.59
C GLY A 190 -4.75 -27.29 -30.30
N GLU A 191 -4.74 -27.12 -31.62
CA GLU A 191 -3.48 -27.12 -32.38
C GLU A 191 -2.91 -25.73 -32.45
N PHE A 192 -1.63 -25.63 -32.18
CA PHE A 192 -0.88 -24.35 -32.14
C PHE A 192 -1.00 -23.62 -33.46
N MET A 193 -1.37 -22.35 -33.43
CA MET A 193 -1.37 -21.47 -34.63
C MET A 193 -0.23 -20.48 -34.56
N LEU A 194 -0.10 -19.69 -33.50
CA LEU A 194 0.95 -18.62 -33.47
C LEU A 194 1.23 -18.24 -32.02
N LYS A 195 2.35 -17.59 -31.79
CA LYS A 195 2.66 -16.99 -30.51
C LYS A 195 3.13 -15.59 -30.75
N PHE A 196 3.00 -14.76 -29.75
CA PHE A 196 3.54 -13.38 -29.80
C PHE A 196 3.96 -12.91 -28.46
N GLY A 197 4.80 -11.90 -28.43
CA GLY A 197 5.28 -11.27 -27.19
C GLY A 197 6.76 -11.43 -27.04
N SER A 198 7.34 -10.53 -26.25
CA SER A 198 8.76 -10.66 -25.87
C SER A 198 8.93 -10.10 -24.47
N ASN A 199 9.92 -10.64 -23.81
CA ASN A 199 10.26 -10.35 -22.42
C ASN A 199 11.09 -9.06 -22.36
N GLY A 200 10.53 -8.00 -21.87
CA GLY A 200 11.25 -6.74 -21.69
C GLY A 200 10.35 -5.66 -21.16
N GLU A 201 10.90 -4.46 -21.08
CA GLU A 201 10.27 -3.28 -20.44
C GLU A 201 9.96 -2.23 -21.50
N GLY A 202 10.34 -2.45 -22.74
CA GLY A 202 10.13 -1.45 -23.79
C GLY A 202 8.78 -1.56 -24.45
N ASN A 203 8.56 -0.72 -25.43
CA ASN A 203 7.28 -0.65 -26.16
C ASN A 203 6.91 -2.01 -26.76
N GLY A 204 5.73 -2.50 -26.42
CA GLY A 204 5.23 -3.77 -26.97
C GLY A 204 5.73 -5.01 -26.19
N GLN A 205 6.64 -4.83 -25.27
CA GLN A 205 7.26 -5.94 -24.49
C GLN A 205 6.52 -6.10 -23.16
N PHE A 206 6.61 -7.26 -22.57
CA PHE A 206 5.95 -7.51 -21.26
C PHE A 206 6.75 -8.52 -20.47
N ASN A 207 6.29 -8.83 -19.27
CA ASN A 207 6.93 -9.86 -18.43
C ASN A 207 5.82 -10.57 -17.67
N ALA A 208 5.64 -11.85 -17.99
CA ALA A 208 4.71 -12.75 -17.25
C ALA A 208 3.28 -12.31 -17.51
N PRO A 209 2.79 -12.54 -18.73
CA PRO A 209 1.39 -12.19 -19.02
C PRO A 209 0.45 -13.01 -18.15
N THR A 210 -0.64 -12.37 -17.71
CA THR A 210 -1.69 -12.95 -16.84
C THR A 210 -3.04 -12.78 -17.52
N GLY A 211 -3.83 -11.80 -17.12
CA GLY A 211 -5.21 -11.65 -17.58
C GLY A 211 -5.27 -11.40 -19.07
N VAL A 212 -6.29 -11.93 -19.72
CA VAL A 212 -6.49 -11.74 -21.16
C VAL A 212 -7.95 -11.67 -21.53
N ALA A 213 -8.24 -10.90 -22.55
CA ALA A 213 -9.58 -10.81 -23.18
C ALA A 213 -9.37 -10.59 -24.70
N VAL A 214 -10.41 -10.78 -25.47
CA VAL A 214 -10.37 -10.55 -26.93
C VAL A 214 -11.65 -9.84 -27.33
N ASP A 215 -11.50 -8.76 -28.06
CA ASP A 215 -12.67 -7.96 -28.49
C ASP A 215 -13.28 -8.51 -29.78
N SER A 216 -14.37 -7.87 -30.20
CA SER A 216 -15.18 -8.34 -31.36
C SER A 216 -14.36 -8.28 -32.67
N ASN A 217 -13.33 -7.46 -32.71
CA ASN A 217 -12.45 -7.32 -33.90
C ASN A 217 -11.22 -8.22 -33.77
N GLY A 218 -11.15 -9.05 -32.74
CA GLY A 218 -10.03 -10.01 -32.58
C GLY A 218 -8.84 -9.37 -31.88
N ASN A 219 -8.90 -8.14 -31.42
CA ASN A 219 -7.79 -7.52 -30.68
C ASN A 219 -7.67 -8.21 -29.31
N ILE A 220 -6.46 -8.50 -28.89
CA ILE A 220 -6.15 -9.26 -27.67
C ILE A 220 -5.58 -8.30 -26.64
N ILE A 221 -6.23 -8.23 -25.48
CA ILE A 221 -5.92 -7.31 -24.38
C ILE A 221 -5.26 -8.13 -23.28
N VAL A 222 -4.05 -7.77 -22.90
CA VAL A 222 -3.21 -8.62 -22.04
C VAL A 222 -2.65 -7.83 -20.90
N ALA A 223 -2.88 -8.26 -19.68
CA ALA A 223 -2.20 -7.71 -18.49
C ALA A 223 -0.90 -8.48 -18.28
N ASP A 224 0.12 -7.82 -17.69
CA ASP A 224 1.33 -8.59 -17.34
C ASP A 224 1.74 -8.34 -15.90
N TRP A 225 2.15 -9.39 -15.25
CA TRP A 225 2.44 -9.37 -13.82
C TRP A 225 3.75 -8.65 -13.54
N GLY A 226 4.72 -8.77 -14.40
CA GLY A 226 6.07 -8.29 -14.12
C GLY A 226 6.21 -6.79 -14.32
N ASN A 227 5.63 -6.24 -15.39
CA ASN A 227 5.66 -4.77 -15.59
C ASN A 227 4.37 -4.09 -15.15
N SER A 228 3.32 -4.89 -14.91
CA SER A 228 2.02 -4.36 -14.41
C SER A 228 1.44 -3.37 -15.42
N ARG A 229 1.46 -3.70 -16.69
CA ARG A 229 0.75 -2.88 -17.71
C ARG A 229 -0.39 -3.66 -18.33
N ILE A 230 -1.22 -2.97 -19.09
CA ILE A 230 -2.21 -3.59 -20.01
C ILE A 230 -1.89 -3.16 -21.42
N GLN A 231 -1.55 -4.11 -22.25
CA GLN A 231 -1.17 -3.90 -23.67
C GLN A 231 -2.21 -4.55 -24.57
N VAL A 232 -2.48 -3.93 -25.71
CA VAL A 232 -3.47 -4.41 -26.71
C VAL A 232 -2.73 -4.75 -27.96
N PHE A 233 -3.02 -5.89 -28.53
CA PHE A 233 -2.43 -6.42 -29.77
C PHE A 233 -3.55 -6.67 -30.76
N ASP A 234 -3.26 -6.63 -32.05
CA ASP A 234 -4.25 -7.13 -33.02
C ASP A 234 -4.25 -8.64 -33.05
N GLY A 235 -5.17 -9.25 -33.80
CA GLY A 235 -5.32 -10.71 -33.80
C GLY A 235 -4.15 -11.38 -34.51
N SER A 236 -3.30 -10.64 -35.22
CA SER A 236 -2.08 -11.24 -35.76
C SER A 236 -0.93 -11.19 -34.76
N GLY A 237 -1.14 -10.62 -33.56
CA GLY A 237 -0.15 -10.54 -32.49
C GLY A 237 0.72 -9.31 -32.55
N SER A 238 0.38 -8.32 -33.38
CA SER A 238 1.15 -7.08 -33.48
CA SER A 238 1.16 -7.07 -33.48
C SER A 238 0.66 -6.08 -32.45
N PHE A 239 1.57 -5.45 -31.74
CA PHE A 239 1.25 -4.47 -30.71
C PHE A 239 0.50 -3.31 -31.30
N LEU A 240 -0.56 -2.86 -30.64
CA LEU A 240 -1.32 -1.65 -31.04
C LEU A 240 -1.09 -0.52 -30.06
N SER A 241 -1.34 -0.71 -28.76
CA SER A 241 -1.39 0.43 -27.82
C SER A 241 -1.46 -0.07 -26.40
N TYR A 242 -1.22 0.82 -25.45
CA TYR A 242 -1.52 0.59 -24.01
C TYR A 242 -2.89 1.06 -23.69
N ILE A 243 -3.51 0.41 -22.71
CA ILE A 243 -4.51 1.09 -21.84
C ILE A 243 -3.75 1.91 -20.83
N ASN A 244 -4.04 3.20 -20.74
CA ASN A 244 -3.20 4.11 -19.93
C ASN A 244 -3.55 3.91 -18.46
N THR A 245 -2.61 3.36 -17.70
CA THR A 245 -2.73 3.09 -16.26
C THR A 245 -1.77 3.96 -15.46
N SER A 246 -1.14 4.95 -16.08
CA SER A 246 -0.01 5.70 -15.47
C SER A 246 -0.44 6.60 -14.31
N ALA A 247 -1.69 7.01 -14.20
CA ALA A 247 -2.12 7.93 -13.11
C ALA A 247 -2.39 7.16 -11.82
N ASP A 248 -2.59 5.85 -11.92
CA ASP A 248 -2.86 5.02 -10.75
C ASP A 248 -2.40 3.61 -11.12
N PRO A 249 -1.09 3.39 -11.05
CA PRO A 249 -0.50 2.19 -11.64
C PRO A 249 -1.03 0.91 -11.02
N LEU A 250 -0.97 -0.15 -11.85
CA LEU A 250 -1.24 -1.52 -11.39
C LEU A 250 -0.03 -2.02 -10.62
N TYR A 251 -0.22 -3.09 -9.87
CA TYR A 251 0.86 -3.80 -9.18
C TYR A 251 0.53 -5.26 -9.19
N GLY A 252 1.13 -6.03 -10.09
CA GLY A 252 0.90 -7.48 -10.17
C GLY A 252 -0.52 -7.82 -10.56
N PRO A 253 -1.03 -7.33 -11.70
CA PRO A 253 -2.39 -7.66 -12.14
C PRO A 253 -2.61 -9.14 -12.46
N GLN A 254 -3.82 -9.62 -12.19
CA GLN A 254 -4.25 -11.00 -12.49
C GLN A 254 -5.28 -10.96 -13.58
N GLY A 255 -6.50 -11.36 -13.30
CA GLY A 255 -7.47 -11.53 -14.35
C GLY A 255 -7.91 -10.23 -15.02
N LEU A 256 -8.44 -10.32 -16.22
CA LEU A 256 -8.87 -9.19 -17.04
C LEU A 256 -10.07 -9.60 -17.84
N ALA A 257 -11.04 -8.73 -18.02
CA ALA A 257 -12.22 -9.00 -18.84
C ALA A 257 -12.72 -7.76 -19.55
N LEU A 258 -13.40 -7.97 -20.67
CA LEU A 258 -14.19 -6.92 -21.34
C LEU A 258 -15.61 -6.92 -20.81
N THR A 259 -16.13 -5.77 -20.47
CA THR A 259 -17.49 -5.64 -19.92
C THR A 259 -18.50 -5.42 -21.06
N SER A 260 -19.78 -5.62 -20.71
CA SER A 260 -20.86 -5.42 -21.69
C SER A 260 -21.05 -3.93 -22.01
N ASP A 261 -20.51 -3.02 -21.23
CA ASP A 261 -20.55 -1.57 -21.54
C ASP A 261 -19.22 -1.09 -22.10
N GLY A 262 -18.38 -1.98 -22.62
CA GLY A 262 -17.24 -1.62 -23.48
C GLY A 262 -16.04 -1.15 -22.69
N HIS A 263 -15.89 -1.60 -21.46
CA HIS A 263 -14.75 -1.26 -20.61
C HIS A 263 -13.87 -2.48 -20.41
N VAL A 264 -12.65 -2.24 -19.96
CA VAL A 264 -11.74 -3.33 -19.54
C VAL A 264 -11.69 -3.29 -18.03
N VAL A 265 -11.92 -4.41 -17.37
CA VAL A 265 -11.78 -4.54 -15.91
C VAL A 265 -10.60 -5.44 -15.61
N VAL A 266 -9.76 -5.03 -14.68
CA VAL A 266 -8.57 -5.80 -14.28
C VAL A 266 -8.52 -5.98 -12.79
N ALA A 267 -8.10 -7.16 -12.35
CA ALA A 267 -7.76 -7.43 -10.96
C ALA A 267 -6.39 -6.80 -10.65
N ASP A 268 -6.35 -5.69 -9.94
CA ASP A 268 -5.08 -5.05 -9.57
C ASP A 268 -4.64 -5.67 -8.24
N SER A 269 -4.23 -6.91 -8.27
CA SER A 269 -4.17 -7.74 -7.05
CA SER A 269 -4.17 -7.76 -7.06
C SER A 269 -3.22 -7.16 -6.01
N GLY A 270 -2.09 -6.63 -6.41
CA GLY A 270 -1.13 -6.07 -5.45
C GLY A 270 -1.66 -4.85 -4.73
N ASN A 271 -2.67 -4.19 -5.27
CA ASN A 271 -3.30 -3.00 -4.67
C ASN A 271 -4.69 -3.36 -4.10
N HIS A 272 -5.05 -4.64 -4.03
CA HIS A 272 -6.31 -5.09 -3.38
C HIS A 272 -7.51 -4.34 -3.94
N CYS A 273 -7.62 -4.20 -5.27
CA CYS A 273 -8.76 -3.59 -5.91
C CYS A 273 -8.93 -4.12 -7.32
N PHE A 274 -10.09 -3.88 -7.89
CA PHE A 274 -10.26 -3.98 -9.34
C PHE A 274 -10.41 -2.59 -9.89
N LYS A 275 -9.95 -2.43 -11.13
CA LYS A 275 -9.92 -1.14 -11.85
C LYS A 275 -10.65 -1.31 -13.16
N VAL A 276 -11.45 -0.33 -13.52
CA VAL A 276 -12.28 -0.35 -14.74
C VAL A 276 -11.85 0.83 -15.63
N TYR A 277 -11.49 0.50 -16.87
CA TYR A 277 -10.87 1.41 -17.86
C TYR A 277 -11.75 1.60 -19.07
N ARG A 278 -11.67 2.83 -19.60
CA ARG A 278 -12.13 3.11 -20.96
C ARG A 278 -11.42 2.19 -21.95
N TYR A 279 -12.18 1.76 -22.97
CA TYR A 279 -11.65 0.92 -24.06
C TYR A 279 -12.42 1.26 -25.37
N LEU A 280 -13.68 0.96 -25.48
CA LEU A 280 -14.45 1.03 -26.75
C LEU A 280 -14.80 2.51 -27.04
N GLN A 281 -14.91 3.35 -26.00
CA GLN A 281 -15.26 4.81 -26.15
C GLN A 281 -14.46 5.67 -25.17
N GLU B 6 19.65 -2.62 -1.70
CA GLU B 6 19.64 -2.36 -0.23
C GLU B 6 19.65 -0.85 0.04
N ASP B 7 19.20 -0.43 1.23
CA ASP B 7 19.35 0.98 1.67
C ASP B 7 19.79 0.98 3.14
N ASP B 8 19.48 2.03 3.90
CA ASP B 8 19.96 2.14 5.30
C ASP B 8 18.95 1.53 6.26
N LEU B 9 17.85 0.95 5.77
CA LEU B 9 16.79 0.41 6.67
C LEU B 9 17.32 -0.81 7.43
N ILE B 10 17.18 -0.82 8.72
CA ILE B 10 17.48 -2.00 9.55
C ILE B 10 16.19 -2.83 9.65
N PHE B 11 15.10 -2.24 10.11
CA PHE B 11 13.82 -2.99 10.25
C PHE B 11 12.62 -2.05 10.25
N ARG B 12 11.44 -2.60 10.03
CA ARG B 12 10.15 -1.87 10.09
C ARG B 12 9.19 -2.65 10.96
N VAL B 13 8.33 -1.96 11.68
CA VAL B 13 7.36 -2.53 12.62
C VAL B 13 6.02 -1.83 12.40
N GLY B 14 4.98 -2.61 12.21
CA GLY B 14 3.60 -2.14 12.22
C GLY B 14 2.87 -2.49 10.94
N THR B 15 1.56 -2.64 11.07
CA THR B 15 0.60 -2.69 9.96
C THR B 15 -0.63 -1.91 10.40
N LYS B 16 -1.54 -1.69 9.50
CA LYS B 16 -2.75 -0.91 9.76
C LYS B 16 -3.70 -1.67 10.70
N GLY B 17 -4.15 -1.02 11.77
CA GLY B 17 -5.21 -1.57 12.63
C GLY B 17 -5.14 -1.01 14.04
N ARG B 18 -5.84 -1.63 14.97
CA ARG B 18 -6.12 -1.04 16.28
C ARG B 18 -5.56 -1.92 17.39
N ASN B 19 -4.98 -3.07 17.08
CA ASN B 19 -4.45 -3.98 18.13
C ASN B 19 -3.00 -3.60 18.47
N LYS B 20 -2.45 -4.22 19.52
CA LYS B 20 -1.05 -3.96 19.90
C LYS B 20 -0.17 -4.28 18.70
N GLY B 21 0.80 -3.41 18.40
CA GLY B 21 1.70 -3.61 17.26
C GLY B 21 1.08 -3.16 15.96
N GLU B 22 -0.08 -2.52 16.01
CA GLU B 22 -0.74 -1.96 14.79
C GLU B 22 -0.90 -0.45 14.96
N PHE B 23 -1.09 0.23 13.87
CA PHE B 23 -1.26 1.71 13.85
C PHE B 23 -2.39 2.13 12.92
N THR B 24 -3.03 3.24 13.25
CA THR B 24 -3.94 3.95 12.35
C THR B 24 -3.32 5.27 11.86
N ASN B 25 -2.87 6.13 12.76
CA ASN B 25 -2.24 7.41 12.33
C ASN B 25 -1.01 7.70 13.18
N LEU B 26 0.12 7.14 12.81
CA LEU B 26 1.41 7.43 13.53
C LEU B 26 1.66 8.93 13.48
N GLN B 27 2.01 9.51 14.62
CA GLN B 27 2.29 10.96 14.69
C GLN B 27 3.67 11.13 15.34
N GLY B 28 3.70 11.40 16.63
CA GLY B 28 4.97 11.62 17.32
C GLY B 28 5.73 10.36 17.55
N VAL B 29 7.02 10.49 17.51
CA VAL B 29 7.99 9.40 17.76
C VAL B 29 9.01 9.93 18.75
N ALA B 30 9.23 9.19 19.84
CA ALA B 30 10.29 9.52 20.81
C ALA B 30 11.18 8.30 21.02
N ALA B 31 12.38 8.52 21.47
CA ALA B 31 13.32 7.44 21.81
C ALA B 31 13.99 7.80 23.12
N SER B 32 14.08 6.85 24.04
CA SER B 32 14.49 7.17 25.41
C SER B 32 15.92 6.68 25.65
N THR B 33 16.51 7.20 26.70
CA THR B 33 17.84 6.74 27.16
C THR B 33 17.77 5.32 27.74
N ASN B 34 16.60 4.78 28.01
CA ASN B 34 16.48 3.37 28.48
C ASN B 34 16.25 2.44 27.31
N GLY B 35 16.49 2.90 26.09
CA GLY B 35 16.45 2.01 24.91
C GLY B 35 15.07 1.67 24.45
N LYS B 36 14.15 2.64 24.55
CA LYS B 36 12.77 2.44 24.07
C LYS B 36 12.46 3.42 22.91
N ILE B 37 11.56 2.98 22.08
CA ILE B 37 10.90 3.80 21.01
C ILE B 37 9.44 3.94 21.39
N LEU B 38 8.93 5.16 21.40
CA LEU B 38 7.55 5.48 21.79
C LEU B 38 6.85 6.07 20.61
N ILE B 39 5.69 5.53 20.27
CA ILE B 39 4.91 5.98 19.10
C ILE B 39 3.55 6.46 19.59
N ALA B 40 3.21 7.70 19.29
CA ALA B 40 1.84 8.21 19.55
C ALA B 40 0.99 7.95 18.31
N ASP B 41 -0.25 7.54 18.51
CA ASP B 41 -1.18 7.29 17.39
C ASP B 41 -2.44 8.10 17.59
N SER B 42 -2.62 9.15 16.81
CA SER B 42 -3.69 10.13 17.05
C SER B 42 -5.07 9.48 16.90
N ASN B 43 -5.18 8.45 16.08
CA ASN B 43 -6.50 7.87 15.76
C ASN B 43 -6.76 6.62 16.62
N ASN B 44 -5.74 5.95 17.13
CA ASN B 44 -5.94 4.78 18.05
C ASN B 44 -5.92 5.29 19.50
N GLN B 45 -5.57 6.57 19.73
CA GLN B 45 -5.62 7.19 21.09
C GLN B 45 -4.74 6.39 22.02
N CYS B 46 -3.49 6.19 21.65
CA CYS B 46 -2.57 5.39 22.48
C CYS B 46 -1.14 5.72 22.20
N VAL B 47 -0.31 5.38 23.15
CA VAL B 47 1.14 5.39 23.00
C VAL B 47 1.59 3.93 23.12
N GLN B 48 2.40 3.48 22.16
CA GLN B 48 3.00 2.14 22.19
C GLN B 48 4.48 2.27 22.39
N ILE B 49 5.00 1.42 23.22
CA ILE B 49 6.42 1.38 23.62
C ILE B 49 7.05 0.10 23.07
N PHE B 50 8.14 0.27 22.37
CA PHE B 50 8.93 -0.82 21.77
C PHE B 50 10.35 -0.70 22.27
N SER B 51 11.09 -1.79 22.29
CA SER B 51 12.53 -1.74 22.43
C SER B 51 13.16 -1.13 21.19
N ASN B 52 14.41 -0.73 21.32
CA ASN B 52 15.18 -0.16 20.21
C ASN B 52 15.28 -1.18 19.08
N ASP B 53 15.19 -2.47 19.38
CA ASP B 53 15.27 -3.52 18.33
C ASP B 53 13.90 -3.88 17.77
N GLY B 54 12.85 -3.15 18.13
CA GLY B 54 11.53 -3.25 17.50
C GLY B 54 10.58 -4.19 18.19
N GLN B 55 10.97 -4.80 19.28
CA GLN B 55 10.05 -5.70 20.01
C GLN B 55 9.01 -4.86 20.73
N PHE B 56 7.77 -5.29 20.69
CA PHE B 56 6.67 -4.67 21.47
C PHE B 56 6.90 -4.83 22.96
N LYS B 57 6.79 -3.76 23.72
CA LYS B 57 6.84 -3.79 25.19
C LYS B 57 5.47 -3.53 25.80
N SER B 58 4.84 -2.41 25.51
CA SER B 58 3.58 -2.05 26.20
C SER B 58 2.80 -1.01 25.43
N ARG B 59 1.56 -0.85 25.80
CA ARG B 59 0.67 0.18 25.26
C ARG B 59 -0.10 0.80 26.43
N PHE B 60 -0.32 2.08 26.38
CA PHE B 60 -1.30 2.72 27.27
C PHE B 60 -2.07 3.76 26.49
N GLY B 61 -3.19 4.13 27.06
CA GLY B 61 -4.04 5.16 26.47
C GLY B 61 -5.48 4.76 26.58
N ILE B 62 -6.25 5.60 27.26
CA ILE B 62 -7.74 5.45 27.39
C ILE B 62 -8.35 6.58 26.59
N ARG B 63 -9.18 6.27 25.61
CA ARG B 63 -9.81 7.30 24.76
C ARG B 63 -10.68 8.22 25.64
N GLY B 64 -10.58 9.52 25.42
CA GLY B 64 -11.60 10.46 25.94
C GLY B 64 -11.05 11.85 26.21
N ARG B 65 -11.86 12.69 26.85
CA ARG B 65 -11.65 14.14 26.91
C ARG B 65 -11.48 14.55 28.38
N SER B 66 -11.35 13.60 29.30
CA SER B 66 -10.99 13.92 30.71
C SER B 66 -9.47 13.88 30.89
N PRO B 67 -8.95 14.58 31.91
CA PRO B 67 -7.57 14.41 32.33
C PRO B 67 -7.28 12.93 32.58
N GLY B 68 -6.19 12.45 31.98
CA GLY B 68 -5.78 11.05 32.07
C GLY B 68 -6.17 10.27 30.82
N GLN B 69 -6.95 10.86 29.95
CA GLN B 69 -7.42 10.23 28.69
C GLN B 69 -6.72 10.91 27.52
N LEU B 70 -6.81 10.26 26.35
CA LEU B 70 -6.22 10.74 25.09
C LEU B 70 -7.31 10.82 24.05
N GLN B 71 -7.38 11.89 23.30
CA GLN B 71 -8.39 12.06 22.24
C GLN B 71 -7.72 12.12 20.87
N ARG B 72 -6.75 13.00 20.68
CA ARG B 72 -5.99 13.08 19.42
C ARG B 72 -4.52 13.31 19.75
N PRO B 73 -3.85 12.32 20.35
CA PRO B 73 -2.47 12.48 20.76
C PRO B 73 -1.55 12.63 19.54
N THR B 74 -0.62 13.58 19.61
CA THR B 74 0.28 13.95 18.49
C THR B 74 1.74 13.81 18.92
N GLY B 75 2.30 14.83 19.55
CA GLY B 75 3.69 14.75 19.97
C GLY B 75 3.88 13.86 21.16
N VAL B 76 5.08 13.25 21.27
CA VAL B 76 5.48 12.46 22.44
C VAL B 76 6.94 12.73 22.69
N ALA B 77 7.30 12.86 23.96
CA ALA B 77 8.71 13.02 24.36
C ALA B 77 8.91 12.31 25.70
N VAL B 78 10.13 11.99 26.03
CA VAL B 78 10.47 11.37 27.32
C VAL B 78 11.34 12.32 28.09
N HIS B 79 10.94 12.68 29.30
CA HIS B 79 11.66 13.60 30.18
C HIS B 79 12.84 12.85 30.79
N PRO B 80 13.96 13.52 31.14
CA PRO B 80 15.01 12.84 31.91
C PRO B 80 14.55 12.19 33.22
N SER B 81 13.45 12.67 33.79
CA SER B 81 12.84 12.06 34.99
C SER B 81 12.31 10.65 34.70
N GLY B 82 12.08 10.32 33.43
CA GLY B 82 11.40 9.08 33.02
C GLY B 82 9.93 9.32 32.67
N ASP B 83 9.42 10.49 32.99
CA ASP B 83 8.00 10.78 32.66
C ASP B 83 7.82 10.80 31.13
N ILE B 84 6.63 10.45 30.69
CA ILE B 84 6.22 10.45 29.27
C ILE B 84 5.29 11.64 29.05
N ILE B 85 5.65 12.46 28.09
CA ILE B 85 4.94 13.73 27.80
CA ILE B 85 4.96 13.74 27.80
C ILE B 85 4.18 13.57 26.50
N ILE B 86 2.88 13.85 26.53
CA ILE B 86 2.04 13.59 25.34
C ILE B 86 1.21 14.84 25.02
N ALA B 87 1.36 15.39 23.81
CA ALA B 87 0.51 16.51 23.35
C ALA B 87 -0.80 15.96 22.82
N ASP B 88 -1.90 16.71 23.01
CA ASP B 88 -3.20 16.28 22.46
C ASP B 88 -3.80 17.44 21.66
N TYR B 89 -3.88 17.26 20.36
CA TYR B 89 -4.36 18.31 19.42
C TYR B 89 -5.80 18.66 19.79
N ASP B 90 -6.59 17.70 20.20
CA ASP B 90 -8.07 17.91 20.40
C ASP B 90 -8.36 18.33 21.82
N ASN B 91 -7.75 17.73 22.81
CA ASN B 91 -7.96 18.12 24.23
C ASN B 91 -7.27 19.46 24.47
N LYS B 92 -6.27 19.82 23.66
CA LYS B 92 -5.56 21.12 23.74
C LYS B 92 -4.87 21.21 25.09
N TRP B 93 -4.15 20.16 25.44
CA TRP B 93 -3.28 20.19 26.62
C TRP B 93 -2.16 19.18 26.38
N VAL B 94 -1.17 19.22 27.24
CA VAL B 94 -0.04 18.29 27.24
C VAL B 94 -0.11 17.51 28.54
N SER B 95 -0.18 16.22 28.46
CA SER B 95 -0.25 15.35 29.66
C SER B 95 1.15 14.90 30.08
N ILE B 96 1.36 14.76 31.38
CA ILE B 96 2.57 14.16 31.95
C ILE B 96 2.15 12.88 32.61
N PHE B 97 2.64 11.76 32.08
CA PHE B 97 2.43 10.42 32.61
C PHE B 97 3.71 9.96 33.28
N SER B 98 3.58 9.10 34.26
CA SER B 98 4.75 8.35 34.76
C SER B 98 5.25 7.40 33.67
N SER B 99 6.44 6.81 33.86
CA SER B 99 6.99 5.83 32.88
C SER B 99 6.07 4.61 32.76
N ASP B 100 5.25 4.35 33.79
CA ASP B 100 4.31 3.19 33.82
C ASP B 100 2.97 3.56 33.19
N GLY B 101 2.81 4.77 32.64
CA GLY B 101 1.61 5.16 31.87
C GLY B 101 0.49 5.64 32.80
N LYS B 102 0.81 6.03 34.03
CA LYS B 102 -0.18 6.58 34.99
C LYS B 102 -0.18 8.10 34.82
N PHE B 103 -1.34 8.68 34.65
CA PHE B 103 -1.48 10.14 34.46
C PHE B 103 -1.06 10.86 35.76
N LYS B 104 -0.28 11.91 35.65
CA LYS B 104 0.11 12.75 36.82
C LYS B 104 -0.58 14.11 36.74
N THR B 105 -0.29 14.92 35.73
CA THR B 105 -0.82 16.29 35.60
C THR B 105 -0.91 16.66 34.12
N LYS B 106 -1.59 17.75 33.83
CA LYS B 106 -1.60 18.32 32.47
CA LYS B 106 -1.61 18.32 32.46
C LYS B 106 -1.22 19.79 32.51
N ILE B 107 -0.61 20.24 31.44
CA ILE B 107 -0.13 21.63 31.29
C ILE B 107 -0.74 22.22 30.03
N GLY B 108 -0.94 23.51 30.08
CA GLY B 108 -1.34 24.30 28.90
C GLY B 108 -2.83 24.35 28.69
N SER B 109 -3.63 23.76 29.59
CA SER B 109 -5.11 23.78 29.47
C SER B 109 -5.58 25.23 29.34
N GLY B 110 -6.38 25.51 28.33
CA GLY B 110 -6.91 26.86 28.09
C GLY B 110 -5.93 27.75 27.32
N LYS B 111 -4.69 27.32 27.08
CA LYS B 111 -3.65 28.18 26.46
C LYS B 111 -3.33 27.72 25.05
N LEU B 112 -3.50 26.43 24.78
CA LEU B 112 -3.06 25.82 23.49
C LEU B 112 -4.24 25.79 22.55
N MET B 113 -3.96 25.93 21.25
CA MET B 113 -4.99 25.78 20.21
C MET B 113 -4.96 24.39 19.60
N GLY B 114 -3.79 23.83 19.29
CA GLY B 114 -3.73 22.57 18.56
C GLY B 114 -2.29 22.09 18.54
N PRO B 115 -1.82 21.47 19.65
CA PRO B 115 -0.39 21.14 19.73
C PRO B 115 -0.06 19.90 18.90
N LYS B 116 1.19 19.88 18.45
CA LYS B 116 1.79 18.70 17.78
CA LYS B 116 1.81 18.73 17.77
C LYS B 116 3.08 18.33 18.52
N GLY B 117 4.26 18.77 18.03
CA GLY B 117 5.52 18.31 18.62
C GLY B 117 5.70 18.72 20.06
N VAL B 118 6.43 17.87 20.81
CA VAL B 118 6.89 18.20 22.16
C VAL B 118 8.34 17.77 22.27
N SER B 119 9.09 18.52 23.05
CA SER B 119 10.48 18.16 23.38
CA SER B 119 10.47 18.16 23.39
C SER B 119 10.78 18.63 24.80
N VAL B 120 11.92 18.23 25.30
CA VAL B 120 12.36 18.63 26.64
C VAL B 120 13.73 19.29 26.49
N ASP B 121 13.96 20.42 27.11
CA ASP B 121 15.25 21.15 26.97
C ASP B 121 16.19 20.78 28.12
N ARG B 122 17.38 21.35 28.09
CA ARG B 122 18.50 20.89 28.96
C ARG B 122 18.16 21.26 30.41
N ASN B 123 17.21 22.16 30.62
CA ASN B 123 16.78 22.61 31.97
C ASN B 123 15.52 21.86 32.43
N GLY B 124 15.06 20.90 31.64
CA GLY B 124 13.90 20.05 31.92
C GLY B 124 12.59 20.75 31.56
N HIS B 125 12.64 21.93 30.93
CA HIS B 125 11.41 22.61 30.43
C HIS B 125 10.79 21.82 29.29
N ILE B 126 9.47 21.89 29.18
CA ILE B 126 8.73 21.18 28.14
C ILE B 126 8.42 22.16 27.00
N ILE B 127 8.93 21.84 25.82
CA ILE B 127 8.71 22.65 24.61
CA ILE B 127 8.74 22.62 24.57
C ILE B 127 7.50 22.10 23.90
N VAL B 128 6.54 22.96 23.60
CA VAL B 128 5.29 22.53 22.95
C VAL B 128 5.11 23.31 21.65
N VAL B 129 5.04 22.60 20.55
CA VAL B 129 4.74 23.23 19.25
C VAL B 129 3.22 23.34 19.12
N ASP B 130 2.71 24.55 19.05
CA ASP B 130 1.28 24.78 18.84
C ASP B 130 1.07 24.93 17.34
N ASN B 131 0.80 23.83 16.69
CA ASN B 131 0.64 23.80 15.22
C ASN B 131 -0.47 24.77 14.80
N LYS B 132 -1.60 24.74 15.50
CA LYS B 132 -2.74 25.54 15.05
C LYS B 132 -2.47 27.03 15.33
N ALA B 133 -1.92 27.36 16.50
CA ALA B 133 -1.65 28.78 16.85
C ALA B 133 -0.43 29.31 16.09
N CYS B 134 0.38 28.44 15.53
CA CYS B 134 1.63 28.84 14.83
C CYS B 134 2.55 29.51 15.85
N CYS B 135 2.78 28.85 16.97
CA CYS B 135 3.73 29.34 17.94
C CYS B 135 4.30 28.19 18.74
N VAL B 136 5.30 28.47 19.56
CA VAL B 136 5.98 27.49 20.42
C VAL B 136 5.93 28.01 21.85
N PHE B 137 5.57 27.14 22.79
CA PHE B 137 5.53 27.45 24.23
C PHE B 137 6.70 26.73 24.87
N ILE B 138 7.26 27.33 25.90
CA ILE B 138 8.19 26.66 26.84
C ILE B 138 7.50 26.70 28.19
N PHE B 139 7.28 25.54 28.76
CA PHE B 139 6.61 25.37 30.09
C PHE B 139 7.61 24.80 31.09
N GLN B 140 7.46 25.19 32.35
CA GLN B 140 8.02 24.39 33.45
C GLN B 140 7.14 23.15 33.61
N PRO B 141 7.69 22.03 34.14
CA PRO B 141 6.85 20.84 34.32
C PRO B 141 5.65 21.09 35.27
N ASN B 142 5.71 22.15 36.09
CA ASN B 142 4.62 22.50 37.04
C ASN B 142 3.54 23.29 36.31
N GLY B 143 3.71 23.56 34.99
CA GLY B 143 2.65 24.19 34.18
C GLY B 143 2.85 25.68 33.97
N LYS B 144 3.79 26.33 34.65
CA LYS B 144 4.03 27.77 34.45
C LYS B 144 4.63 27.99 33.05
N ILE B 145 4.16 29.02 32.33
CA ILE B 145 4.72 29.37 31.00
C ILE B 145 5.99 30.17 31.24
N VAL B 146 7.11 29.68 30.70
CA VAL B 146 8.39 30.42 30.73
C VAL B 146 8.38 31.44 29.62
N THR B 147 8.03 31.01 28.40
CA THR B 147 7.93 31.95 27.28
C THR B 147 7.14 31.32 26.13
N ARG B 148 6.77 32.17 25.21
CA ARG B 148 6.13 31.71 23.96
C ARG B 148 6.73 32.55 22.86
N PHE B 149 6.84 31.98 21.67
CA PHE B 149 7.39 32.72 20.53
C PHE B 149 6.71 32.25 19.27
N GLY B 150 6.59 33.18 18.33
CA GLY B 150 6.00 32.92 17.03
C GLY B 150 4.58 33.39 16.93
N SER B 151 4.15 33.53 15.68
CA SER B 151 2.79 33.83 15.28
C SER B 151 2.65 33.39 13.82
N ARG B 152 1.43 33.34 13.31
CA ARG B 152 1.14 32.79 12.00
C ARG B 152 1.68 33.72 10.88
N GLY B 153 2.47 33.17 9.99
CA GLY B 153 3.01 33.94 8.86
C GLY B 153 4.17 33.27 8.19
N ASN B 154 4.80 34.03 7.27
CA ASN B 154 5.84 33.49 6.37
C ASN B 154 7.21 34.04 6.72
N GLY B 155 7.33 34.95 7.64
CA GLY B 155 8.62 35.56 7.96
C GLY B 155 9.44 34.74 8.94
N ASP B 156 10.68 35.16 9.18
CA ASP B 156 11.63 34.43 10.01
C ASP B 156 11.05 34.13 11.39
N ARG B 157 10.40 35.08 12.02
CA ARG B 157 9.91 34.96 13.40
C ARG B 157 8.44 34.57 13.43
N GLN B 158 7.93 34.08 12.29
CA GLN B 158 6.57 33.51 12.15
C GLN B 158 6.71 32.01 11.89
N PHE B 159 5.56 31.34 11.92
CA PHE B 159 5.47 29.93 11.54
C PHE B 159 4.22 29.75 10.72
N ALA B 160 4.22 28.74 9.87
CA ALA B 160 3.05 28.32 9.07
C ALA B 160 2.82 26.82 9.30
N GLY B 161 2.07 26.45 10.33
CA GLY B 161 1.82 25.04 10.66
C GLY B 161 3.11 24.37 11.12
N PRO B 162 3.78 24.91 12.17
CA PRO B 162 4.96 24.24 12.69
C PRO B 162 4.61 22.86 13.21
N HIS B 163 5.53 21.92 13.09
CA HIS B 163 5.27 20.50 13.37
C HIS B 163 6.06 20.02 14.58
N PHE B 164 7.35 19.78 14.43
CA PHE B 164 8.13 19.03 15.43
C PHE B 164 9.29 19.85 15.94
N ALA B 165 9.90 19.38 17.02
CA ALA B 165 10.94 20.11 17.74
C ALA B 165 12.09 19.21 18.14
N ALA B 166 13.26 19.78 18.22
CA ALA B 166 14.46 19.13 18.79
C ALA B 166 15.22 20.15 19.57
N VAL B 167 16.11 19.69 20.45
CA VAL B 167 16.95 20.58 21.28
C VAL B 167 18.37 20.05 21.23
N ASN B 168 19.32 20.87 20.84
CA ASN B 168 20.73 20.43 20.75
C ASN B 168 21.47 20.66 22.08
N SER B 169 22.73 20.31 22.09
CA SER B 169 23.55 20.30 23.34
C SER B 169 23.82 21.73 23.78
N ASN B 170 23.61 22.72 22.91
CA ASN B 170 23.74 24.16 23.28
C ASN B 170 22.38 24.74 23.75
N ASN B 171 21.35 23.89 23.93
CA ASN B 171 20.00 24.26 24.40
C ASN B 171 19.33 25.16 23.38
N GLU B 172 19.72 25.04 22.12
CA GLU B 172 18.98 25.70 21.02
C GLU B 172 17.83 24.79 20.56
N ILE B 173 16.73 25.44 20.23
CA ILE B 173 15.45 24.82 19.87
C ILE B 173 15.33 24.83 18.35
N ILE B 174 15.04 23.67 17.78
CA ILE B 174 14.97 23.47 16.31
C ILE B 174 13.55 23.07 15.96
N ILE B 175 12.91 23.82 15.11
CA ILE B 175 11.47 23.65 14.80
C ILE B 175 11.32 23.43 13.29
N THR B 176 10.46 22.47 12.90
CA THR B 176 10.14 22.30 11.49
C THR B 176 8.93 23.15 11.14
N ASP B 177 9.11 24.02 10.18
CA ASP B 177 8.12 25.00 9.73
C ASP B 177 7.51 24.54 8.43
N PHE B 178 6.50 23.68 8.54
CA PHE B 178 5.97 22.86 7.43
C PHE B 178 5.64 23.72 6.21
N HIS B 179 4.73 24.68 6.36
CA HIS B 179 4.20 25.43 5.19
C HIS B 179 5.15 26.58 4.78
N ASN B 180 6.21 26.83 5.53
CA ASN B 180 7.29 27.74 5.09
C ASN B 180 8.50 26.99 4.54
N HIS B 181 8.45 25.66 4.51
CA HIS B 181 9.52 24.86 3.87
C HIS B 181 10.89 25.26 4.43
N SER B 182 10.99 25.27 5.74
CA SER B 182 12.26 25.58 6.43
C SER B 182 12.29 24.98 7.80
N VAL B 183 13.52 24.85 8.30
CA VAL B 183 13.82 24.52 9.68
C VAL B 183 14.35 25.77 10.31
N LYS B 184 13.87 26.06 11.48
CA LYS B 184 14.22 27.31 12.19
C LYS B 184 14.86 26.95 13.51
N VAL B 185 15.94 27.68 13.83
CA VAL B 185 16.70 27.45 15.06
C VAL B 185 16.66 28.70 15.95
N PHE B 186 16.40 28.49 17.21
CA PHE B 186 16.19 29.54 18.23
C PHE B 186 17.11 29.29 19.41
N ASN B 187 17.49 30.36 20.11
CA ASN B 187 18.16 30.15 21.40
C ASN B 187 17.14 29.69 22.44
N GLN B 188 17.60 29.48 23.66
CA GLN B 188 16.78 28.87 24.73
C GLN B 188 15.71 29.87 25.18
N GLU B 189 15.84 31.14 24.83
CA GLU B 189 14.85 32.20 25.15
C GLU B 189 13.83 32.32 24.02
N GLY B 190 14.00 31.57 22.94
CA GLY B 190 13.05 31.60 21.81
C GLY B 190 13.37 32.67 20.81
N GLU B 191 14.57 33.27 20.85
CA GLU B 191 14.99 34.29 19.85
C GLU B 191 15.54 33.59 18.61
N PHE B 192 15.09 34.05 17.46
CA PHE B 192 15.45 33.51 16.14
C PHE B 192 16.94 33.62 15.92
N MET B 193 17.58 32.52 15.54
CA MET B 193 19.01 32.49 15.17
C MET B 193 19.19 32.28 13.68
N LEU B 194 18.52 31.32 13.07
CA LEU B 194 18.74 31.02 11.65
C LEU B 194 17.61 30.15 11.11
N LYS B 195 17.42 30.20 9.82
CA LYS B 195 16.57 29.25 9.11
C LYS B 195 17.37 28.61 7.99
N PHE B 196 16.95 27.44 7.57
CA PHE B 196 17.52 26.82 6.36
C PHE B 196 16.48 25.98 5.68
N GLY B 197 16.70 25.70 4.40
CA GLY B 197 15.80 24.89 3.62
C GLY B 197 15.42 25.56 2.32
N SER B 198 15.11 24.73 1.35
CA SER B 198 14.81 25.16 -0.02
C SER B 198 13.68 24.26 -0.50
N ASN B 199 12.55 24.85 -0.88
CA ASN B 199 11.38 24.10 -1.36
C ASN B 199 11.64 23.58 -2.79
N GLY B 200 11.76 22.26 -2.89
CA GLY B 200 11.94 21.62 -4.21
C GLY B 200 12.14 20.13 -4.05
N GLU B 201 12.40 19.49 -5.17
CA GLU B 201 12.49 18.02 -5.25
C GLU B 201 13.92 17.60 -5.51
N GLY B 202 14.85 18.53 -5.64
CA GLY B 202 16.23 18.20 -6.01
C GLY B 202 17.13 18.00 -4.80
N ASN B 203 18.44 17.90 -5.05
CA ASN B 203 19.40 17.59 -3.98
C ASN B 203 19.39 18.69 -2.92
N GLY B 204 19.22 18.30 -1.66
CA GLY B 204 19.27 19.23 -0.51
C GLY B 204 17.96 20.00 -0.31
N GLN B 205 17.01 19.82 -1.18
CA GLN B 205 15.69 20.53 -1.15
C GLN B 205 14.67 19.60 -0.49
N PHE B 206 13.64 20.21 0.09
CA PHE B 206 12.57 19.40 0.67
C PHE B 206 11.24 20.10 0.49
N ASN B 207 10.18 19.48 0.97
CA ASN B 207 8.84 20.09 0.94
C ASN B 207 8.11 19.64 2.19
N ALA B 208 7.72 20.61 3.03
CA ALA B 208 6.87 20.36 4.21
C ALA B 208 7.63 19.49 5.22
N PRO B 209 8.69 20.04 5.83
CA PRO B 209 9.42 19.29 6.85
C PRO B 209 8.50 18.92 8.01
N THR B 210 8.72 17.73 8.60
CA THR B 210 7.95 17.19 9.72
C THR B 210 8.93 16.77 10.80
N GLY B 211 9.23 15.49 10.93
CA GLY B 211 10.00 15.00 12.05
C GLY B 211 11.44 15.52 12.03
N VAL B 212 11.98 15.73 13.21
CA VAL B 212 13.34 16.28 13.35
C VAL B 212 14.04 15.73 14.59
N ALA B 213 15.35 15.59 14.48
CA ALA B 213 16.24 15.17 15.58
C ALA B 213 17.60 15.88 15.36
N VAL B 214 18.42 15.91 16.40
CA VAL B 214 19.75 16.53 16.30
C VAL B 214 20.76 15.65 17.02
N ASP B 215 21.87 15.40 16.38
CA ASP B 215 22.91 14.51 16.95
C ASP B 215 23.91 15.30 17.79
N SER B 216 24.84 14.56 18.40
CA SER B 216 25.79 15.13 19.39
C SER B 216 26.70 16.19 18.76
N ASN B 217 26.86 16.17 17.46
CA ASN B 217 27.70 17.12 16.70
C ASN B 217 26.87 18.29 16.16
N GLY B 218 25.55 18.32 16.47
CA GLY B 218 24.65 19.39 16.04
C GLY B 218 24.07 19.16 14.66
N ASN B 219 24.33 18.01 14.03
CA ASN B 219 23.74 17.73 12.70
C ASN B 219 22.23 17.53 12.91
N ILE B 220 21.45 18.09 12.01
CA ILE B 220 19.97 18.11 12.11
C ILE B 220 19.41 17.17 11.04
N ILE B 221 18.62 16.21 11.51
CA ILE B 221 18.04 15.13 10.72
C ILE B 221 16.56 15.44 10.53
N VAL B 222 16.09 15.55 9.30
CA VAL B 222 14.76 16.10 8.99
C VAL B 222 14.04 15.18 8.03
N ALA B 223 12.84 14.74 8.39
CA ALA B 223 11.91 14.08 7.46
C ALA B 223 11.10 15.17 6.76
N ASP B 224 10.65 14.93 5.52
CA ASP B 224 9.73 15.86 4.88
C ASP B 224 8.52 15.12 4.33
N TRP B 225 7.38 15.72 4.55
CA TRP B 225 6.08 15.11 4.19
C TRP B 225 5.89 15.14 2.68
N GLY B 226 6.37 16.15 1.99
CA GLY B 226 6.04 16.35 0.57
C GLY B 226 6.82 15.41 -0.33
N ASN B 227 8.13 15.24 -0.09
CA ASN B 227 8.94 14.32 -0.90
C ASN B 227 9.19 13.01 -0.15
N SER B 228 8.83 12.91 1.13
CA SER B 228 8.97 11.67 1.92
C SER B 228 10.43 11.20 1.95
N ARG B 229 11.38 12.09 2.15
CA ARG B 229 12.80 11.71 2.38
C ARG B 229 13.28 12.08 3.77
N ILE B 230 14.43 11.59 4.14
CA ILE B 230 15.16 12.01 5.36
C ILE B 230 16.49 12.59 4.95
N GLN B 231 16.72 13.87 5.26
CA GLN B 231 17.92 14.61 4.87
C GLN B 231 18.64 15.08 6.13
N VAL B 232 19.96 15.14 6.08
CA VAL B 232 20.83 15.53 7.22
C VAL B 232 21.57 16.78 6.82
N PHE B 233 21.59 17.75 7.71
CA PHE B 233 22.22 19.06 7.56
C PHE B 233 23.22 19.22 8.70
N ASP B 234 24.25 20.05 8.53
CA ASP B 234 25.03 20.45 9.70
C ASP B 234 24.27 21.49 10.50
N GLY B 235 24.79 21.88 11.65
CA GLY B 235 24.07 22.82 12.54
C GLY B 235 23.95 24.22 11.95
N SER B 236 24.68 24.53 10.89
CA SER B 236 24.56 25.84 10.20
CA SER B 236 24.56 25.84 10.20
C SER B 236 23.55 25.76 9.06
N GLY B 237 22.92 24.59 8.87
CA GLY B 237 21.92 24.39 7.81
C GLY B 237 22.48 24.00 6.46
N SER B 238 23.75 23.63 6.38
CA SER B 238 24.34 23.13 5.10
CA SER B 238 24.36 23.13 5.11
C SER B 238 23.97 21.67 4.90
N PHE B 239 23.45 21.33 3.74
CA PHE B 239 23.05 19.97 3.42
C PHE B 239 24.27 19.05 3.42
N LEU B 240 24.18 17.91 4.13
CA LEU B 240 25.24 16.88 4.16
C LEU B 240 24.89 15.68 3.28
N SER B 241 23.78 15.02 3.50
CA SER B 241 23.52 13.68 2.96
C SER B 241 22.08 13.25 3.22
N TYR B 242 21.64 12.22 2.52
CA TYR B 242 20.39 11.51 2.80
C TYR B 242 20.66 10.34 3.70
N ILE B 243 19.68 10.00 4.51
CA ILE B 243 19.48 8.61 4.98
C ILE B 243 18.80 7.86 3.84
N ASN B 244 19.36 6.76 3.43
CA ASN B 244 18.91 6.08 2.18
C ASN B 244 17.65 5.31 2.49
N THR B 245 16.51 5.77 1.95
CA THR B 245 15.18 5.16 2.16
C THR B 245 14.65 4.56 0.84
N SER B 246 15.49 4.50 -0.17
CA SER B 246 15.07 4.26 -1.57
C SER B 246 14.59 2.80 -1.76
N ALA B 247 14.97 1.85 -0.91
CA ALA B 247 14.60 0.44 -1.13
C ALA B 247 13.21 0.15 -0.56
N ASP B 248 12.72 0.98 0.34
CA ASP B 248 11.38 0.81 0.94
C ASP B 248 10.92 2.23 1.32
N PRO B 249 10.42 2.97 0.32
CA PRO B 249 10.17 4.39 0.47
C PRO B 249 9.16 4.74 1.55
N LEU B 250 9.37 5.92 2.14
CA LEU B 250 8.43 6.50 3.08
C LEU B 250 7.26 7.10 2.28
N TYR B 251 6.17 7.32 2.97
CA TYR B 251 4.97 7.95 2.41
C TYR B 251 4.38 8.83 3.48
N GLY B 252 4.69 10.14 3.40
CA GLY B 252 4.12 11.10 4.35
C GLY B 252 4.60 10.83 5.76
N PRO B 253 5.95 10.88 5.99
CA PRO B 253 6.51 10.68 7.31
C PRO B 253 6.12 11.80 8.27
N GLN B 254 5.98 11.47 9.55
CA GLN B 254 5.65 12.39 10.63
C GLN B 254 6.88 12.40 11.56
N GLY B 255 6.73 11.94 12.81
CA GLY B 255 7.78 12.13 13.80
C GLY B 255 9.07 11.41 13.45
N LEU B 256 10.17 11.86 14.05
CA LEU B 256 11.51 11.25 13.84
C LEU B 256 12.29 11.44 15.11
N ALA B 257 13.08 10.42 15.49
CA ALA B 257 13.94 10.53 16.66
C ALA B 257 15.26 9.79 16.41
N LEU B 258 16.28 10.21 17.13
CA LEU B 258 17.54 9.44 17.28
CA LEU B 258 17.55 9.46 17.28
C LEU B 258 17.43 8.52 18.48
N THR B 259 17.79 7.27 18.29
CA THR B 259 17.70 6.28 19.38
C THR B 259 19.01 6.26 20.18
N SER B 260 18.95 5.62 21.36
CA SER B 260 20.13 5.47 22.24
C SER B 260 21.16 4.53 21.61
N ASP B 261 20.78 3.71 20.64
CA ASP B 261 21.77 2.85 19.92
C ASP B 261 22.14 3.42 18.56
N GLY B 262 21.95 4.73 18.35
CA GLY B 262 22.56 5.43 17.22
C GLY B 262 21.81 5.22 15.92
N HIS B 263 20.51 4.94 15.99
CA HIS B 263 19.67 4.78 14.79
C HIS B 263 18.74 5.97 14.64
N VAL B 264 18.19 6.13 13.48
CA VAL B 264 17.09 7.09 13.23
C VAL B 264 15.78 6.32 13.07
N VAL B 265 14.79 6.66 13.86
CA VAL B 265 13.47 6.03 13.76
C VAL B 265 12.52 7.09 13.22
N VAL B 266 11.70 6.69 12.24
CA VAL B 266 10.70 7.60 11.65
C VAL B 266 9.32 6.95 11.67
N ALA B 267 8.30 7.76 11.87
CA ALA B 267 6.88 7.37 11.66
C ALA B 267 6.59 7.42 10.18
N ASP B 268 6.54 6.28 9.52
CA ASP B 268 6.20 6.20 8.10
C ASP B 268 4.66 6.15 8.03
N SER B 269 3.97 7.24 8.29
CA SER B 269 2.55 7.21 8.65
C SER B 269 1.70 6.65 7.50
N GLY B 270 2.04 7.01 6.27
CA GLY B 270 1.22 6.59 5.13
C GLY B 270 1.31 5.09 4.92
N ASN B 271 2.33 4.45 5.46
CA ASN B 271 2.53 2.98 5.38
C ASN B 271 2.25 2.30 6.71
N HIS B 272 1.68 2.96 7.66
CA HIS B 272 1.23 2.37 8.95
C HIS B 272 2.35 1.58 9.60
N CYS B 273 3.55 2.15 9.62
CA CYS B 273 4.67 1.52 10.35
C CYS B 273 5.65 2.56 10.83
N PHE B 274 6.56 2.16 11.71
CA PHE B 274 7.79 2.93 11.96
C PHE B 274 8.93 2.15 11.35
N LYS B 275 9.96 2.89 10.94
CA LYS B 275 11.15 2.37 10.25
C LYS B 275 12.38 2.85 10.99
N VAL B 276 13.35 1.98 11.15
CA VAL B 276 14.59 2.27 11.92
C VAL B 276 15.79 2.12 10.99
N TYR B 277 16.62 3.15 10.92
CA TYR B 277 17.72 3.32 9.95
C TYR B 277 19.07 3.40 10.64
N ARG B 278 20.07 2.90 9.92
CA ARG B 278 21.50 3.13 10.25
C ARG B 278 21.77 4.61 10.20
N TYR B 279 22.59 5.09 11.14
CA TYR B 279 23.03 6.50 11.16
C TYR B 279 24.45 6.58 11.72
N LEU B 280 24.65 6.25 12.98
CA LEU B 280 25.96 6.46 13.67
C LEU B 280 26.93 5.34 13.25
N GLN B 281 26.38 4.19 12.88
CA GLN B 281 27.12 3.05 12.29
C GLN B 281 26.18 2.27 11.35
N PRO C 4 -19.45 49.48 21.46
CA PRO C 4 -19.98 49.81 20.13
C PRO C 4 -21.27 49.01 19.86
N ILE C 5 -22.40 49.71 19.71
CA ILE C 5 -23.77 49.12 19.91
C ILE C 5 -24.30 48.53 18.60
N GLU C 6 -24.08 49.19 17.45
CA GLU C 6 -24.68 48.75 16.16
C GLU C 6 -23.63 48.68 15.05
N ASP C 7 -23.81 47.73 14.13
CA ASP C 7 -22.87 47.48 13.02
C ASP C 7 -23.71 47.04 11.84
N ASP C 8 -23.11 46.31 10.87
CA ASP C 8 -23.84 45.94 9.63
C ASP C 8 -24.58 44.61 9.81
N LEU C 9 -24.53 44.03 11.00
CA LEU C 9 -25.20 42.71 11.24
C LEU C 9 -26.70 42.86 11.15
N ILE C 10 -27.37 42.03 10.38
CA ILE C 10 -28.84 41.97 10.35
C ILE C 10 -29.27 40.95 11.40
N PHE C 11 -28.75 39.73 11.33
CA PHE C 11 -29.12 38.68 12.30
C PHE C 11 -28.06 37.59 12.35
N ARG C 12 -28.08 36.83 13.42
CA ARG C 12 -27.24 35.63 13.63
C ARG C 12 -28.14 34.44 13.91
N VAL C 13 -27.68 33.28 13.51
CA VAL C 13 -28.39 31.99 13.70
C VAL C 13 -27.39 30.98 14.22
N GLY C 14 -27.77 30.25 15.28
CA GLY C 14 -27.00 29.09 15.70
C GLY C 14 -26.43 29.18 17.08
N THR C 15 -26.36 28.04 17.74
CA THR C 15 -25.62 27.88 18.99
C THR C 15 -24.84 26.57 18.93
N LYS C 16 -23.92 26.36 19.85
CA LYS C 16 -23.06 25.18 19.82
CA LYS C 16 -23.06 25.18 19.82
C LYS C 16 -23.89 23.91 20.10
N GLY C 17 -23.72 22.90 19.29
CA GLY C 17 -24.29 21.58 19.52
C GLY C 17 -24.50 20.76 18.28
N ARG C 18 -25.20 19.64 18.40
CA ARG C 18 -25.31 18.63 17.33
C ARG C 18 -26.75 18.49 16.82
N ASN C 19 -27.69 19.24 17.39
CA ASN C 19 -29.09 19.11 16.94
C ASN C 19 -29.42 20.20 15.92
N LYS C 20 -30.63 20.17 15.38
CA LYS C 20 -31.07 21.14 14.39
C LYS C 20 -30.91 22.55 14.93
N GLY C 21 -30.35 23.45 14.10
CA GLY C 21 -30.09 24.82 14.51
C GLY C 21 -28.87 24.97 15.38
N GLU C 22 -28.12 23.89 15.58
CA GLU C 22 -26.88 23.93 16.35
C GLU C 22 -25.74 23.58 15.41
N PHE C 23 -24.55 24.00 15.78
CA PHE C 23 -23.34 23.74 14.99
C PHE C 23 -22.21 23.30 15.89
N THR C 24 -21.32 22.51 15.36
CA THR C 24 -20.05 22.16 16.03
C THR C 24 -18.90 22.84 15.29
N ASN C 25 -18.80 22.63 13.99
CA ASN C 25 -17.71 23.23 13.20
C ASN C 25 -18.27 23.72 11.88
N LEU C 26 -18.77 24.93 11.84
CA LEU C 26 -19.22 25.53 10.57
C LEU C 26 -18.02 25.64 9.62
N GLN C 27 -18.20 25.20 8.39
CA GLN C 27 -17.13 25.24 7.36
C GLN C 27 -17.66 26.02 6.16
N GLY C 28 -18.05 25.34 5.12
CA GLY C 28 -18.59 25.96 3.90
C GLY C 28 -19.92 26.59 4.11
N VAL C 29 -20.13 27.69 3.38
CA VAL C 29 -21.39 28.46 3.35
C VAL C 29 -21.73 28.66 1.89
N ALA C 30 -22.94 28.34 1.50
CA ALA C 30 -23.41 28.66 0.14
C ALA C 30 -24.76 29.36 0.25
N ALA C 31 -25.09 30.11 -0.77
CA ALA C 31 -26.39 30.83 -0.84
C ALA C 31 -26.95 30.64 -2.23
N SER C 32 -28.18 30.20 -2.33
CA SER C 32 -28.76 29.78 -3.61
C SER C 32 -29.62 30.90 -4.22
N THR C 33 -29.87 30.77 -5.50
CA THR C 33 -30.84 31.65 -6.21
C THR C 33 -32.28 31.39 -5.75
N ASN C 34 -32.58 30.32 -5.07
CA ASN C 34 -33.93 30.05 -4.49
C ASN C 34 -34.00 30.60 -3.07
N GLY C 35 -33.07 31.45 -2.65
CA GLY C 35 -33.20 32.18 -1.38
C GLY C 35 -32.89 31.35 -0.18
N LYS C 36 -31.93 30.46 -0.28
CA LYS C 36 -31.54 29.56 0.83
C LYS C 36 -30.09 29.86 1.18
N ILE C 37 -29.79 29.65 2.46
CA ILE C 37 -28.42 29.61 2.99
C ILE C 37 -28.12 28.18 3.42
N LEU C 38 -26.99 27.64 2.97
CA LEU C 38 -26.60 26.24 3.24
C LEU C 38 -25.30 26.27 4.02
N ILE C 39 -25.26 25.53 5.12
CA ILE C 39 -24.08 25.48 6.03
C ILE C 39 -23.64 24.02 6.13
N ALA C 40 -22.41 23.76 5.78
CA ALA C 40 -21.79 22.45 6.03
C ALA C 40 -21.10 22.48 7.40
N ASP C 41 -21.25 21.42 8.17
CA ASP C 41 -20.62 21.31 9.49
C ASP C 41 -19.75 20.06 9.46
N SER C 42 -18.44 20.25 9.51
CA SER C 42 -17.51 19.13 9.32
C SER C 42 -17.61 18.15 10.48
N ASN C 43 -17.99 18.62 11.66
CA ASN C 43 -17.93 17.74 12.86
C ASN C 43 -19.32 17.15 13.14
N ASN C 44 -20.39 17.75 12.71
CA ASN C 44 -21.76 17.21 12.85
C ASN C 44 -22.10 16.37 11.59
N GLN C 45 -21.27 16.43 10.51
CA GLN C 45 -21.46 15.57 9.32
CA GLN C 45 -21.45 15.57 9.34
C GLN C 45 -22.80 15.85 8.69
N CYS C 46 -23.09 17.10 8.44
CA CYS C 46 -24.41 17.47 7.89
C CYS C 46 -24.36 18.80 7.19
N VAL C 47 -25.35 19.02 6.37
CA VAL C 47 -25.66 20.34 5.77
C VAL C 47 -27.02 20.78 6.33
N GLN C 48 -27.09 21.98 6.83
CA GLN C 48 -28.34 22.59 7.29
C GLN C 48 -28.71 23.69 6.30
N ILE C 49 -29.99 23.73 6.01
CA ILE C 49 -30.55 24.68 5.01
C ILE C 49 -31.51 25.62 5.70
N PHE C 50 -31.29 26.91 5.52
CA PHE C 50 -32.06 27.99 6.13
C PHE C 50 -32.59 28.88 5.02
N SER C 51 -33.67 29.58 5.27
CA SER C 51 -34.09 30.68 4.38
C SER C 51 -33.09 31.84 4.48
N ASN C 52 -33.16 32.75 3.53
CA ASN C 52 -32.30 33.95 3.56
C ASN C 52 -32.56 34.77 4.82
N ASP C 53 -33.75 34.66 5.41
CA ASP C 53 -34.10 35.42 6.65
C ASP C 53 -33.75 34.62 7.90
N GLY C 54 -33.09 33.48 7.77
CA GLY C 54 -32.51 32.75 8.90
C GLY C 54 -33.39 31.64 9.44
N GLN C 55 -34.56 31.37 8.87
CA GLN C 55 -35.47 30.33 9.37
C GLN C 55 -34.86 28.97 9.02
N PHE C 56 -34.79 28.04 9.96
CA PHE C 56 -34.43 26.64 9.68
C PHE C 56 -35.40 26.00 8.70
N LYS C 57 -34.90 25.40 7.65
CA LYS C 57 -35.73 24.63 6.68
C LYS C 57 -35.50 23.13 6.79
N SER C 58 -34.27 22.65 6.68
CA SER C 58 -34.01 21.21 6.65
C SER C 58 -32.55 20.90 6.96
N ARG C 59 -32.31 19.63 7.21
CA ARG C 59 -30.94 19.12 7.46
C ARG C 59 -30.82 17.80 6.71
N PHE C 60 -29.66 17.55 6.11
CA PHE C 60 -29.37 16.20 5.61
C PHE C 60 -27.92 15.90 5.88
N GLY C 61 -27.61 14.61 5.80
CA GLY C 61 -26.28 14.10 6.03
C GLY C 61 -26.31 12.90 6.91
N ILE C 62 -25.75 11.82 6.41
CA ILE C 62 -25.56 10.56 7.15
C ILE C 62 -24.06 10.37 7.41
N ARG C 63 -23.66 10.23 8.62
CA ARG C 63 -22.25 10.05 8.99
C ARG C 63 -21.70 8.78 8.33
N GLY C 64 -20.54 8.86 7.70
CA GLY C 64 -19.83 7.66 7.25
C GLY C 64 -18.86 7.87 6.13
N ARG C 65 -18.21 6.79 5.74
CA ARG C 65 -17.09 6.77 4.80
C ARG C 65 -17.48 6.15 3.48
N SER C 66 -18.73 5.78 3.28
CA SER C 66 -19.21 5.21 2.01
C SER C 66 -19.82 6.31 1.13
N PRO C 67 -19.88 6.12 -0.19
CA PRO C 67 -20.53 7.07 -1.08
C PRO C 67 -21.97 7.31 -0.66
N GLY C 68 -22.36 8.57 -0.55
CA GLY C 68 -23.66 8.98 -0.04
C GLY C 68 -23.59 9.44 1.40
N GLN C 69 -22.48 9.21 2.08
CA GLN C 69 -22.32 9.58 3.51
C GLN C 69 -21.32 10.73 3.60
N LEU C 70 -21.30 11.38 4.74
CA LEU C 70 -20.39 12.53 5.04
C LEU C 70 -19.55 12.17 6.25
N GLN C 71 -18.27 12.45 6.18
CA GLN C 71 -17.33 12.21 7.27
C GLN C 71 -16.75 13.53 7.79
N ARG C 72 -16.20 14.33 6.90
CA ARG C 72 -15.68 15.65 7.28
C ARG C 72 -16.06 16.68 6.20
N PRO C 73 -17.36 16.96 6.02
CA PRO C 73 -17.79 17.84 4.96
C PRO C 73 -17.31 19.27 5.17
N THR C 74 -16.81 19.91 4.12
CA THR C 74 -16.15 21.22 4.22
C THR C 74 -16.84 22.19 3.28
N GLY C 75 -16.42 22.24 2.03
CA GLY C 75 -17.01 23.15 1.07
C GLY C 75 -18.40 22.76 0.64
N VAL C 76 -19.24 23.73 0.35
CA VAL C 76 -20.59 23.53 -0.22
C VAL C 76 -20.86 24.58 -1.28
N ALA C 77 -21.46 24.16 -2.37
CA ALA C 77 -21.91 25.07 -3.42
C ALA C 77 -23.23 24.57 -3.93
N VAL C 78 -23.99 25.45 -4.58
CA VAL C 78 -25.24 25.04 -5.27
C VAL C 78 -25.04 25.27 -6.75
N HIS C 79 -25.22 24.21 -7.53
CA HIS C 79 -25.08 24.23 -8.99
C HIS C 79 -26.30 24.93 -9.56
N PRO C 80 -26.20 25.56 -10.76
CA PRO C 80 -27.40 26.11 -11.41
C PRO C 80 -28.54 25.10 -11.60
N SER C 81 -28.21 23.81 -11.66
CA SER C 81 -29.22 22.72 -11.73
C SER C 81 -30.08 22.64 -10.46
N GLY C 82 -29.60 23.17 -9.33
CA GLY C 82 -30.22 23.02 -8.01
C GLY C 82 -29.49 21.97 -7.17
N ASP C 83 -28.63 21.19 -7.79
CA ASP C 83 -27.87 20.15 -7.05
C ASP C 83 -26.98 20.86 -6.02
N ILE C 84 -26.70 20.14 -4.96
CA ILE C 84 -25.87 20.60 -3.83
C ILE C 84 -24.57 19.81 -3.88
N ILE C 85 -23.47 20.54 -3.93
CA ILE C 85 -22.12 20.00 -4.12
C ILE C 85 -21.39 20.11 -2.79
N ILE C 86 -20.90 19.00 -2.25
CA ILE C 86 -20.27 18.97 -0.90
CA ILE C 86 -20.28 18.95 -0.90
C ILE C 86 -18.90 18.30 -1.00
N ALA C 87 -17.87 19.03 -0.64
CA ALA C 87 -16.53 18.45 -0.54
C ALA C 87 -16.41 17.71 0.79
N ASP C 88 -15.61 16.65 0.83
CA ASP C 88 -15.36 15.93 2.08
C ASP C 88 -13.87 15.79 2.29
N TYR C 89 -13.32 16.42 3.31
CA TYR C 89 -11.87 16.42 3.52
C TYR C 89 -11.37 15.01 3.81
N ASP C 90 -12.15 14.24 4.56
CA ASP C 90 -11.72 12.88 5.02
C ASP C 90 -12.02 11.85 3.94
N ASN C 91 -13.19 11.89 3.32
CA ASN C 91 -13.52 10.84 2.30
C ASN C 91 -12.77 11.14 1.01
N LYS C 92 -12.26 12.36 0.82
CA LYS C 92 -11.38 12.71 -0.32
C LYS C 92 -12.18 12.59 -1.62
N TRP C 93 -13.40 13.07 -1.62
CA TRP C 93 -14.20 13.20 -2.84
C TRP C 93 -15.19 14.33 -2.66
N VAL C 94 -15.81 14.72 -3.75
CA VAL C 94 -16.88 15.73 -3.78
C VAL C 94 -18.17 15.05 -4.17
N SER C 95 -19.17 15.11 -3.33
CA SER C 95 -20.49 14.53 -3.59
C SER C 95 -21.41 15.52 -4.30
N ILE C 96 -22.26 15.00 -5.18
CA ILE C 96 -23.34 15.77 -5.80
C ILE C 96 -24.64 15.19 -5.27
N PHE C 97 -25.41 16.00 -4.56
CA PHE C 97 -26.72 15.66 -4.00
C PHE C 97 -27.79 16.40 -4.78
N SER C 98 -28.98 15.84 -4.82
CA SER C 98 -30.17 16.58 -5.28
C SER C 98 -30.47 17.69 -4.26
N SER C 99 -31.32 18.65 -4.62
CA SER C 99 -31.71 19.75 -3.71
C SER C 99 -32.45 19.20 -2.48
N ASP C 100 -33.00 17.98 -2.55
CA ASP C 100 -33.68 17.36 -1.38
C ASP C 100 -32.72 16.48 -0.57
N GLY C 101 -31.42 16.52 -0.87
CA GLY C 101 -30.41 15.85 -0.04
C GLY C 101 -30.18 14.39 -0.41
N LYS C 102 -30.65 13.90 -1.55
CA LYS C 102 -30.40 12.52 -2.00
C LYS C 102 -29.08 12.47 -2.78
N PHE C 103 -28.21 11.53 -2.42
CA PHE C 103 -26.92 11.33 -3.11
C PHE C 103 -27.13 10.96 -4.57
N LYS C 104 -26.42 11.59 -5.49
CA LYS C 104 -26.44 11.24 -6.93
C LYS C 104 -25.11 10.58 -7.29
N THR C 105 -24.01 11.33 -7.26
CA THR C 105 -22.70 10.81 -7.71
C THR C 105 -21.58 11.48 -6.94
N LYS C 106 -20.38 11.00 -7.04
CA LYS C 106 -19.20 11.63 -6.45
C LYS C 106 -18.13 11.79 -7.52
N ILE C 107 -17.33 12.82 -7.39
CA ILE C 107 -16.24 13.14 -8.32
C ILE C 107 -14.95 13.25 -7.52
N GLY C 108 -13.83 13.03 -8.16
CA GLY C 108 -12.51 13.25 -7.60
C GLY C 108 -11.97 12.08 -6.81
N SER C 109 -12.70 10.95 -6.71
CA SER C 109 -12.19 9.79 -5.95
CA SER C 109 -12.22 9.75 -5.99
C SER C 109 -10.83 9.38 -6.53
N GLY C 110 -9.86 9.17 -5.68
CA GLY C 110 -8.50 8.77 -6.08
C GLY C 110 -7.65 9.93 -6.52
N LYS C 111 -8.20 11.16 -6.65
CA LYS C 111 -7.46 12.30 -7.22
C LYS C 111 -7.18 13.32 -6.12
N LEU C 112 -8.04 13.40 -5.13
CA LEU C 112 -7.98 14.46 -4.10
C LEU C 112 -7.30 13.94 -2.85
N MET C 113 -6.61 14.83 -2.15
CA MET C 113 -6.02 14.55 -0.85
C MET C 113 -6.89 15.04 0.30
N GLY C 114 -7.50 16.22 0.20
CA GLY C 114 -8.20 16.81 1.35
C GLY C 114 -8.90 18.09 0.94
N PRO C 115 -10.06 17.97 0.27
CA PRO C 115 -10.72 19.14 -0.32
C PRO C 115 -11.40 20.00 0.74
N LYS C 116 -11.48 21.29 0.41
CA LYS C 116 -12.23 22.30 1.21
CA LYS C 116 -12.24 22.29 1.21
C LYS C 116 -13.21 22.99 0.27
N GLY C 117 -12.87 24.19 -0.23
CA GLY C 117 -13.81 24.98 -1.02
C GLY C 117 -14.24 24.31 -2.32
N VAL C 118 -15.48 24.57 -2.72
CA VAL C 118 -16.04 24.18 -4.04
CA VAL C 118 -16.06 24.15 -4.02
C VAL C 118 -16.80 25.36 -4.60
N SER C 119 -16.72 25.51 -5.87
CA SER C 119 -17.49 26.55 -6.60
CA SER C 119 -17.45 26.55 -6.62
C SER C 119 -17.89 26.00 -7.96
N VAL C 120 -18.76 26.70 -8.64
CA VAL C 120 -19.18 26.31 -10.01
C VAL C 120 -18.84 27.47 -10.95
N ASP C 121 -18.29 27.19 -12.10
CA ASP C 121 -17.84 28.29 -13.03
C ASP C 121 -18.92 28.53 -14.08
N ARG C 122 -18.65 29.46 -14.99
CA ARG C 122 -19.67 29.94 -15.95
C ARG C 122 -19.99 28.83 -16.94
N ASN C 123 -19.17 27.78 -17.02
CA ASN C 123 -19.40 26.63 -17.93
C ASN C 123 -20.07 25.48 -17.19
N GLY C 124 -20.40 25.66 -15.92
CA GLY C 124 -20.97 24.60 -15.08
C GLY C 124 -19.93 23.64 -14.53
N HIS C 125 -18.63 23.87 -14.79
CA HIS C 125 -17.53 23.05 -14.22
C HIS C 125 -17.48 23.25 -12.70
N ILE C 126 -17.04 22.21 -11.99
CA ILE C 126 -16.91 22.25 -10.51
C ILE C 126 -15.44 22.50 -10.15
N ILE C 127 -15.23 23.63 -9.51
CA ILE C 127 -13.89 24.01 -8.97
CA ILE C 127 -13.90 24.03 -8.97
C ILE C 127 -13.75 23.40 -7.58
N VAL C 128 -12.66 22.67 -7.35
CA VAL C 128 -12.39 22.01 -6.06
C VAL C 128 -11.06 22.47 -5.56
N VAL C 129 -11.04 23.09 -4.40
CA VAL C 129 -9.81 23.47 -3.70
C VAL C 129 -9.34 22.24 -2.91
N ASP C 130 -8.19 21.72 -3.26
CA ASP C 130 -7.59 20.62 -2.51
C ASP C 130 -6.64 21.20 -1.48
N ASN C 131 -7.19 21.46 -0.32
CA ASN C 131 -6.45 22.09 0.77
C ASN C 131 -5.20 21.28 1.15
N LYS C 132 -5.34 19.95 1.24
CA LYS C 132 -4.21 19.12 1.67
C LYS C 132 -3.16 19.05 0.55
N ALA C 133 -3.56 18.87 -0.73
CA ALA C 133 -2.59 18.78 -1.83
C ALA C 133 -2.05 20.13 -2.20
N CYS C 134 -2.69 21.22 -1.76
CA CYS C 134 -2.27 22.56 -2.13
C CYS C 134 -2.38 22.76 -3.65
N CYS C 135 -3.55 22.42 -4.17
CA CYS C 135 -3.82 22.65 -5.60
C CYS C 135 -5.32 22.81 -5.81
N VAL C 136 -5.69 23.20 -7.01
CA VAL C 136 -7.08 23.42 -7.42
C VAL C 136 -7.35 22.57 -8.64
N PHE C 137 -8.48 21.91 -8.60
CA PHE C 137 -9.01 21.12 -9.74
C PHE C 137 -10.19 21.83 -10.36
N ILE C 138 -10.31 21.70 -11.67
CA ILE C 138 -11.56 22.03 -12.42
C ILE C 138 -12.07 20.71 -12.99
N PHE C 139 -13.26 20.30 -12.59
CA PHE C 139 -13.91 19.04 -13.02
C PHE C 139 -15.14 19.35 -13.88
N GLN C 140 -15.41 18.48 -14.83
CA GLN C 140 -16.78 18.41 -15.42
C GLN C 140 -17.68 17.75 -14.38
N PRO C 141 -19.00 18.02 -14.36
CA PRO C 141 -19.88 17.33 -13.41
C PRO C 141 -19.85 15.80 -13.54
N ASN C 142 -19.43 15.28 -14.69
CA ASN C 142 -19.31 13.82 -14.92
C ASN C 142 -18.01 13.28 -14.33
N GLY C 143 -17.16 14.14 -13.75
CA GLY C 143 -15.94 13.66 -13.04
C GLY C 143 -14.64 13.80 -13.83
N LYS C 144 -14.70 14.14 -15.13
CA LYS C 144 -13.47 14.31 -15.93
C LYS C 144 -12.69 15.56 -15.47
N ILE C 145 -11.37 15.46 -15.33
CA ILE C 145 -10.53 16.63 -14.93
C ILE C 145 -10.29 17.48 -16.17
N VAL C 146 -10.70 18.73 -16.12
CA VAL C 146 -10.40 19.74 -17.14
C VAL C 146 -8.99 20.23 -16.90
N THR C 147 -8.66 20.62 -15.66
CA THR C 147 -7.28 21.04 -15.38
C THR C 147 -7.02 21.02 -13.91
N ARG C 148 -5.75 21.07 -13.59
CA ARG C 148 -5.29 21.15 -12.20
C ARG C 148 -4.19 22.20 -12.15
N PHE C 149 -4.14 23.01 -11.13
CA PHE C 149 -3.07 24.00 -10.99
C PHE C 149 -2.69 24.11 -9.52
N GLY C 150 -1.43 24.42 -9.27
CA GLY C 150 -0.89 24.66 -7.97
C GLY C 150 -0.09 23.50 -7.44
N SER C 151 0.69 23.80 -6.42
CA SER C 151 1.49 22.80 -5.66
C SER C 151 1.87 23.48 -4.35
N ARG C 152 2.36 22.72 -3.41
CA ARG C 152 2.60 23.22 -2.05
C ARG C 152 3.82 24.14 -2.02
N GLY C 153 3.63 25.37 -1.51
CA GLY C 153 4.73 26.31 -1.43
C GLY C 153 4.29 27.74 -1.23
N ASN C 154 5.25 28.63 -1.24
CA ASN C 154 5.03 30.04 -0.88
C ASN C 154 5.05 30.93 -2.11
N GLY C 155 5.35 30.44 -3.28
CA GLY C 155 5.40 31.26 -4.48
C GLY C 155 4.06 31.62 -5.06
N ASP C 156 4.05 32.51 -6.05
CA ASP C 156 2.78 32.98 -6.62
C ASP C 156 1.92 31.81 -7.11
N ARG C 157 2.52 30.84 -7.78
CA ARG C 157 1.82 29.72 -8.45
C ARG C 157 1.76 28.50 -7.56
N GLN C 158 2.15 28.66 -6.31
CA GLN C 158 2.02 27.65 -5.24
C GLN C 158 0.87 28.04 -4.32
N PHE C 159 0.51 27.17 -3.41
CA PHE C 159 -0.49 27.41 -2.37
C PHE C 159 0.02 26.81 -1.07
N ALA C 160 -0.42 27.34 0.04
CA ALA C 160 -0.12 26.85 1.38
C ALA C 160 -1.45 26.72 2.13
N GLY C 161 -2.10 25.56 2.02
CA GLY C 161 -3.39 25.35 2.63
C GLY C 161 -4.49 26.19 2.07
N PRO C 162 -4.70 26.20 0.74
CA PRO C 162 -5.76 27.00 0.13
C PRO C 162 -7.12 26.59 0.69
N HIS C 163 -8.04 27.53 0.81
CA HIS C 163 -9.30 27.31 1.52
C HIS C 163 -10.50 27.39 0.59
N PHE C 164 -10.92 28.57 0.16
CA PHE C 164 -12.20 28.76 -0.52
C PHE C 164 -12.00 29.38 -1.89
N ALA C 165 -13.05 29.34 -2.69
CA ALA C 165 -13.01 29.77 -4.08
C ALA C 165 -14.24 30.58 -4.45
N ALA C 166 -14.07 31.49 -5.37
CA ALA C 166 -15.16 32.22 -6.02
C ALA C 166 -14.84 32.41 -7.49
N VAL C 167 -15.85 32.67 -8.27
CA VAL C 167 -15.74 32.84 -9.74
C VAL C 167 -16.44 34.13 -10.12
N ASN C 168 -15.75 35.02 -10.79
CA ASN C 168 -16.28 36.34 -11.17
C ASN C 168 -16.94 36.25 -12.57
N SER C 169 -17.49 37.38 -12.99
CA SER C 169 -18.32 37.45 -14.20
C SER C 169 -17.47 37.18 -15.45
N ASN C 170 -16.15 37.28 -15.35
CA ASN C 170 -15.24 36.97 -16.48
C ASN C 170 -14.70 35.54 -16.39
N ASN C 171 -15.25 34.71 -15.52
CA ASN C 171 -14.90 33.27 -15.35
C ASN C 171 -13.49 33.15 -14.79
N GLU C 172 -13.02 34.15 -14.10
CA GLU C 172 -11.72 34.08 -13.36
C GLU C 172 -11.97 33.52 -11.96
N ILE C 173 -11.01 32.73 -11.52
CA ILE C 173 -11.10 31.91 -10.27
C ILE C 173 -10.31 32.61 -9.19
N ILE C 174 -10.97 32.82 -8.06
CA ILE C 174 -10.37 33.54 -6.94
C ILE C 174 -10.22 32.54 -5.79
N ILE C 175 -9.01 32.41 -5.27
CA ILE C 175 -8.67 31.41 -4.23
C ILE C 175 -8.09 32.13 -3.02
N THR C 176 -8.54 31.74 -1.82
CA THR C 176 -7.90 32.25 -0.58
C THR C 176 -6.75 31.32 -0.18
N ASP C 177 -5.58 31.86 -0.12
CA ASP C 177 -4.33 31.11 0.12
C ASP C 177 -3.93 31.32 1.57
N PHE C 178 -4.53 30.56 2.47
CA PHE C 178 -4.56 30.76 3.92
C PHE C 178 -3.14 31.04 4.45
N HIS C 179 -2.20 30.11 4.35
CA HIS C 179 -0.89 30.24 4.97
C HIS C 179 0.08 31.11 4.16
N ASN C 180 -0.30 31.60 3.00
CA ASN C 180 0.46 32.63 2.28
C ASN C 180 -0.14 34.02 2.48
N HIS C 181 -1.23 34.14 3.21
CA HIS C 181 -1.81 35.47 3.55
C HIS C 181 -2.05 36.24 2.29
N SER C 182 -2.68 35.64 1.28
CA SER C 182 -2.98 36.34 0.04
C SER C 182 -4.18 35.71 -0.63
N VAL C 183 -4.82 36.51 -1.46
CA VAL C 183 -5.87 36.07 -2.36
C VAL C 183 -5.27 36.05 -3.77
N LYS C 184 -5.52 34.98 -4.47
CA LYS C 184 -4.93 34.77 -5.79
C LYS C 184 -6.02 34.62 -6.82
N VAL C 185 -5.79 35.22 -8.00
CA VAL C 185 -6.77 35.25 -9.10
C VAL C 185 -6.16 34.59 -10.33
N PHE C 186 -6.91 33.72 -10.93
CA PHE C 186 -6.49 32.92 -12.09
C PHE C 186 -7.49 33.10 -13.21
N ASN C 187 -6.99 32.94 -14.43
CA ASN C 187 -7.94 32.90 -15.57
C ASN C 187 -8.62 31.55 -15.60
N GLN C 188 -9.52 31.35 -16.55
CA GLN C 188 -10.38 30.16 -16.59
C GLN C 188 -9.52 28.92 -16.93
N GLU C 189 -8.31 29.09 -17.45
CA GLU C 189 -7.37 27.99 -17.79
C GLU C 189 -6.48 27.67 -16.56
N GLY C 190 -6.65 28.42 -15.47
CA GLY C 190 -5.90 28.20 -14.21
C GLY C 190 -4.55 28.87 -14.23
N GLU C 191 -4.30 29.82 -15.15
CA GLU C 191 -3.05 30.58 -15.17
C GLU C 191 -3.14 31.76 -14.19
N PHE C 192 -2.11 31.94 -13.42
CA PHE C 192 -2.00 32.99 -12.40
C PHE C 192 -2.09 34.36 -13.06
N MET C 193 -2.93 35.23 -12.51
CA MET C 193 -3.05 36.63 -12.95
CA MET C 193 -3.09 36.64 -12.97
C MET C 193 -2.52 37.60 -11.92
N LEU C 194 -2.91 37.47 -10.66
CA LEU C 194 -2.49 38.44 -9.64
C LEU C 194 -2.74 37.88 -8.26
N LYS C 195 -1.97 38.41 -7.31
CA LYS C 195 -2.23 38.15 -5.90
C LYS C 195 -2.27 39.47 -5.18
N PHE C 196 -2.97 39.49 -4.07
CA PHE C 196 -3.04 40.69 -3.26
C PHE C 196 -3.26 40.30 -1.81
N GLY C 197 -2.93 41.23 -0.94
CA GLY C 197 -3.07 41.07 0.50
C GLY C 197 -1.72 41.08 1.17
N SER C 198 -1.74 41.37 2.45
CA SER C 198 -0.51 41.30 3.29
C SER C 198 -0.96 40.86 4.69
N ASN C 199 -0.03 40.26 5.37
CA ASN C 199 -0.20 39.70 6.71
C ASN C 199 -0.02 40.79 7.76
N GLY C 200 -1.11 41.16 8.39
CA GLY C 200 -1.04 42.09 9.50
C GLY C 200 -2.40 42.50 9.94
N GLU C 201 -2.42 43.50 10.82
CA GLU C 201 -3.67 44.04 11.42
C GLU C 201 -3.90 45.46 10.85
N GLY C 202 -3.11 45.91 9.85
CA GLY C 202 -3.25 47.25 9.28
C GLY C 202 -4.32 47.35 8.21
N ASN C 203 -4.43 48.50 7.59
CA ASN C 203 -5.58 48.78 6.70
C ASN C 203 -5.51 47.89 5.50
N GLY C 204 -6.58 47.07 5.30
CA GLY C 204 -6.62 46.14 4.18
C GLY C 204 -5.69 44.92 4.36
N GLN C 205 -5.08 44.77 5.54
CA GLN C 205 -4.25 43.61 5.91
C GLN C 205 -5.13 42.54 6.55
N PHE C 206 -4.71 41.31 6.46
CA PHE C 206 -5.48 40.21 7.06
C PHE C 206 -4.50 39.12 7.49
N ASN C 207 -5.05 38.07 8.12
CA ASN C 207 -4.21 36.90 8.51
C ASN C 207 -5.04 35.66 8.25
N ALA C 208 -4.60 34.82 7.33
CA ALA C 208 -5.20 33.51 7.04
C ALA C 208 -6.59 33.71 6.42
N PRO C 209 -6.66 34.20 5.19
CA PRO C 209 -7.94 34.38 4.51
C PRO C 209 -8.66 33.03 4.35
N THR C 210 -9.98 33.04 4.53
CA THR C 210 -10.85 31.86 4.43
C THR C 210 -11.96 32.14 3.43
N GLY C 211 -13.16 32.45 3.89
CA GLY C 211 -14.32 32.57 3.03
C GLY C 211 -14.17 33.68 2.03
N VAL C 212 -14.72 33.49 0.84
CA VAL C 212 -14.61 34.48 -0.24
C VAL C 212 -15.88 34.44 -1.09
N ALA C 213 -16.21 35.61 -1.63
CA ALA C 213 -17.28 35.81 -2.62
C ALA C 213 -16.86 36.95 -3.54
N VAL C 214 -17.54 37.10 -4.65
CA VAL C 214 -17.28 38.21 -5.58
C VAL C 214 -18.62 38.74 -6.06
N ASP C 215 -18.77 40.04 -6.01
CA ASP C 215 -20.03 40.69 -6.41
C ASP C 215 -20.09 40.97 -7.92
N SER C 216 -21.22 41.51 -8.35
CA SER C 216 -21.54 41.68 -9.79
C SER C 216 -20.59 42.73 -10.42
N ASN C 217 -19.96 43.54 -9.60
CA ASN C 217 -18.97 44.55 -10.08
C ASN C 217 -17.53 44.04 -9.92
N GLY C 218 -17.32 42.80 -9.52
CA GLY C 218 -15.97 42.24 -9.44
C GLY C 218 -15.28 42.50 -8.11
N ASN C 219 -15.95 43.10 -7.16
CA ASN C 219 -15.37 43.34 -5.82
C ASN C 219 -15.28 42.00 -5.12
N ILE C 220 -14.16 41.77 -4.42
CA ILE C 220 -13.87 40.52 -3.74
C ILE C 220 -14.04 40.72 -2.23
N ILE C 221 -14.89 39.89 -1.64
CA ILE C 221 -15.25 39.95 -0.21
C ILE C 221 -14.59 38.77 0.51
N VAL C 222 -13.77 39.05 1.48
CA VAL C 222 -12.85 38.04 2.07
C VAL C 222 -13.00 38.06 3.59
N ALA C 223 -13.28 36.92 4.19
CA ALA C 223 -13.16 36.71 5.63
C ALA C 223 -11.74 36.25 5.95
N ASP C 224 -11.22 36.57 7.13
CA ASP C 224 -9.91 36.03 7.52
C ASP C 224 -9.97 35.42 8.93
N TRP C 225 -9.40 34.26 9.05
CA TRP C 225 -9.44 33.46 10.27
C TRP C 225 -8.64 34.13 11.38
N GLY C 226 -7.51 34.74 11.06
CA GLY C 226 -6.57 35.23 12.09
C GLY C 226 -7.01 36.50 12.76
N ASN C 227 -7.49 37.49 12.00
CA ASN C 227 -8.01 38.73 12.61
C ASN C 227 -9.52 38.73 12.72
N SER C 228 -10.21 37.78 12.09
CA SER C 228 -11.67 37.64 12.17
C SER C 228 -12.37 38.91 11.67
N ARG C 229 -11.98 39.42 10.53
CA ARG C 229 -12.72 40.53 9.90
C ARG C 229 -13.25 40.10 8.54
N ILE C 230 -14.10 40.93 7.97
CA ILE C 230 -14.53 40.84 6.55
C ILE C 230 -14.11 42.11 5.84
N GLN C 231 -13.26 41.96 4.85
CA GLN C 231 -12.69 43.06 4.05
C GLN C 231 -13.14 42.92 2.62
N VAL C 232 -13.34 44.04 1.97
CA VAL C 232 -13.78 44.11 0.56
C VAL C 232 -12.72 44.83 -0.24
N PHE C 233 -12.34 44.25 -1.35
CA PHE C 233 -11.33 44.75 -2.28
C PHE C 233 -11.96 44.92 -3.65
N ASP C 234 -11.41 45.81 -4.49
CA ASP C 234 -11.86 45.77 -5.90
C ASP C 234 -11.22 44.59 -6.62
N GLY C 235 -11.56 44.39 -7.91
CA GLY C 235 -11.08 43.23 -8.66
C GLY C 235 -9.57 43.25 -8.88
N SER C 236 -8.93 44.39 -8.72
CA SER C 236 -7.46 44.51 -8.88
C SER C 236 -6.75 44.28 -7.55
N GLY C 237 -7.49 44.04 -6.47
CA GLY C 237 -6.92 43.79 -5.14
C GLY C 237 -6.76 45.01 -4.29
N SER C 238 -7.24 46.18 -4.70
CA SER C 238 -7.13 47.40 -3.88
C SER C 238 -8.18 47.37 -2.79
N PHE C 239 -7.74 47.60 -1.55
CA PHE C 239 -8.66 47.58 -0.41
C PHE C 239 -9.70 48.70 -0.54
N LEU C 240 -10.96 48.36 -0.35
CA LEU C 240 -12.07 49.34 -0.37
C LEU C 240 -12.59 49.64 1.05
N SER C 241 -13.05 48.63 1.79
CA SER C 241 -13.78 48.86 3.03
C SER C 241 -13.93 47.57 3.82
N TYR C 242 -14.26 47.71 5.09
CA TYR C 242 -14.70 46.60 5.95
C TYR C 242 -16.20 46.50 5.89
N ILE C 243 -16.73 45.30 6.05
CA ILE C 243 -18.10 45.10 6.55
C ILE C 243 -17.99 45.26 8.06
N ASN C 244 -18.85 46.08 8.64
CA ASN C 244 -18.69 46.44 10.06
C ASN C 244 -19.22 45.30 10.92
N THR C 245 -18.30 44.62 11.59
CA THR C 245 -18.57 43.45 12.46
C THR C 245 -18.26 43.81 13.93
N SER C 246 -18.07 45.08 14.23
CA SER C 246 -17.49 45.54 15.51
CA SER C 246 -17.49 45.56 15.50
C SER C 246 -18.46 45.38 16.70
N ALA C 247 -19.77 45.32 16.46
CA ALA C 247 -20.75 45.24 17.58
C ALA C 247 -20.90 43.82 18.06
N ASP C 248 -20.59 42.84 17.21
CA ASP C 248 -20.71 41.42 17.54
C ASP C 248 -19.61 40.70 16.77
N PRO C 249 -18.38 40.78 17.28
CA PRO C 249 -17.20 40.34 16.53
C PRO C 249 -17.25 38.89 16.08
N LEU C 250 -16.65 38.65 14.91
CA LEU C 250 -16.38 37.28 14.46
C LEU C 250 -15.23 36.69 15.28
N TYR C 251 -15.13 35.37 15.25
CA TYR C 251 -14.05 34.62 15.88
C TYR C 251 -13.72 33.44 14.98
N GLY C 252 -12.64 33.53 14.21
CA GLY C 252 -12.26 32.40 13.31
C GLY C 252 -13.30 32.09 12.25
N PRO C 253 -13.67 33.05 11.39
CA PRO C 253 -14.65 32.75 10.36
C PRO C 253 -14.12 31.80 9.29
N GLN C 254 -15.03 31.03 8.71
CA GLN C 254 -14.78 30.09 7.61
C GLN C 254 -15.49 30.56 6.34
N GLY C 255 -16.45 29.82 5.84
CA GLY C 255 -17.06 30.15 4.54
C GLY C 255 -17.78 31.48 4.54
N LEU C 256 -17.96 32.02 3.35
CA LEU C 256 -18.65 33.30 3.13
C LEU C 256 -19.35 33.23 1.79
N ALA C 257 -20.53 33.82 1.67
CA ALA C 257 -21.26 33.87 0.40
C ALA C 257 -22.08 35.15 0.29
N LEU C 258 -22.40 35.53 -0.93
CA LEU C 258 -23.38 36.56 -1.26
C LEU C 258 -24.73 35.90 -1.45
N THR C 259 -25.76 36.45 -0.80
CA THR C 259 -27.10 35.88 -0.89
C THR C 259 -27.88 36.49 -2.08
N SER C 260 -28.98 35.85 -2.41
CA SER C 260 -29.86 36.34 -3.52
C SER C 260 -30.58 37.64 -3.12
N ASP C 261 -30.62 38.00 -1.85
CA ASP C 261 -31.22 39.29 -1.39
C ASP C 261 -30.13 40.29 -1.00
N GLY C 262 -28.91 40.11 -1.53
CA GLY C 262 -27.88 41.16 -1.53
C GLY C 262 -27.19 41.29 -0.18
N HIS C 263 -27.14 40.20 0.60
CA HIS C 263 -26.43 40.21 1.91
C HIS C 263 -25.16 39.37 1.83
N VAL C 264 -24.28 39.58 2.76
CA VAL C 264 -23.12 38.71 2.94
C VAL C 264 -23.43 37.80 4.13
N VAL C 265 -23.27 36.48 3.96
CA VAL C 265 -23.42 35.51 5.04
C VAL C 265 -22.06 34.90 5.30
N VAL C 266 -21.71 34.78 6.57
CA VAL C 266 -20.42 34.23 6.99
C VAL C 266 -20.62 33.17 8.05
N ALA C 267 -19.81 32.13 8.00
CA ALA C 267 -19.71 31.10 9.06
C ALA C 267 -18.84 31.69 10.15
N ASP C 268 -19.44 32.09 11.26
CA ASP C 268 -18.66 32.64 12.39
C ASP C 268 -18.30 31.42 13.27
N SER C 269 -17.38 30.60 12.81
CA SER C 269 -17.23 29.23 13.33
C SER C 269 -16.85 29.24 14.82
N GLY C 270 -16.01 30.15 15.26
CA GLY C 270 -15.60 30.16 16.67
C GLY C 270 -16.72 30.58 17.61
N ASN C 271 -17.78 31.16 17.07
CA ASN C 271 -18.97 31.54 17.86
C ASN C 271 -20.16 30.66 17.50
N HIS C 272 -19.95 29.58 16.76
CA HIS C 272 -20.99 28.53 16.52
C HIS C 272 -22.27 29.17 15.99
N CYS C 273 -22.15 30.10 15.06
CA CYS C 273 -23.29 30.68 14.38
C CYS C 273 -22.91 31.07 12.96
N PHE C 274 -23.91 31.38 12.15
CA PHE C 274 -23.69 32.17 10.93
C PHE C 274 -24.28 33.55 11.14
N LYS C 275 -23.72 34.52 10.46
CA LYS C 275 -24.05 35.94 10.59
C LYS C 275 -24.36 36.49 9.23
N VAL C 276 -25.41 37.26 9.10
CA VAL C 276 -25.89 37.83 7.83
C VAL C 276 -25.81 39.34 7.92
N TYR C 277 -25.11 39.95 6.98
CA TYR C 277 -24.73 41.37 6.95
C TYR C 277 -25.35 42.10 5.77
N ARG C 278 -25.64 43.37 6.02
CA ARG C 278 -25.90 44.36 4.96
C ARG C 278 -24.69 44.43 4.04
N TYR C 279 -24.96 44.58 2.74
CA TYR C 279 -23.94 44.75 1.71
C TYR C 279 -24.49 45.66 0.59
N LEU C 280 -25.45 45.19 -0.20
CA LEU C 280 -25.86 45.84 -1.47
C LEU C 280 -26.71 47.08 -1.16
N GLN C 281 -27.39 47.09 0.00
CA GLN C 281 -28.17 48.27 0.50
C GLN C 281 -27.87 48.46 2.00
N SER D 1 14.84 -64.21 -11.35
CA SER D 1 16.00 -63.55 -10.70
C SER D 1 16.70 -64.55 -9.79
N MET D 2 17.97 -64.30 -9.48
CA MET D 2 18.71 -65.21 -8.56
C MET D 2 18.61 -64.73 -7.12
N ASN D 3 18.14 -63.50 -6.96
CA ASN D 3 18.07 -62.82 -5.66
C ASN D 3 16.87 -61.90 -5.72
N PRO D 4 16.38 -61.44 -4.57
CA PRO D 4 15.38 -60.35 -4.57
C PRO D 4 15.86 -59.11 -5.32
N ILE D 5 14.94 -58.49 -6.05
CA ILE D 5 15.23 -57.29 -6.87
C ILE D 5 15.32 -56.09 -5.92
N GLU D 6 16.41 -55.32 -6.04
CA GLU D 6 16.48 -54.02 -5.34
C GLU D 6 17.05 -52.98 -6.32
N ASP D 7 16.68 -51.74 -6.05
CA ASP D 7 17.28 -50.57 -6.71
C ASP D 7 18.28 -50.00 -5.71
N ASP D 8 18.58 -48.73 -5.77
CA ASP D 8 19.55 -48.08 -4.84
C ASP D 8 18.87 -47.66 -3.52
N LEU D 9 17.60 -47.92 -3.35
CA LEU D 9 16.88 -47.49 -2.15
C LEU D 9 17.36 -48.30 -0.94
N ILE D 10 17.72 -47.61 0.14
CA ILE D 10 18.03 -48.29 1.40
C ILE D 10 16.76 -48.37 2.23
N PHE D 11 16.10 -47.25 2.44
CA PHE D 11 14.85 -47.23 3.21
C PHE D 11 14.04 -46.01 2.85
N ARG D 12 12.80 -46.04 3.25
CA ARG D 12 11.84 -44.91 3.12
C ARG D 12 11.11 -44.74 4.44
N VAL D 13 10.76 -43.50 4.73
CA VAL D 13 10.04 -43.10 5.97
C VAL D 13 8.93 -42.17 5.57
N GLY D 14 7.76 -42.38 6.11
CA GLY D 14 6.66 -41.43 6.01
C GLY D 14 5.40 -42.02 5.51
N THR D 15 4.29 -41.46 5.96
CA THR D 15 2.97 -41.74 5.41
C THR D 15 2.19 -40.44 5.36
N LYS D 16 1.09 -40.44 4.67
CA LYS D 16 0.26 -39.23 4.53
C LYS D 16 -0.43 -38.89 5.84
N GLY D 17 -0.29 -37.66 6.29
CA GLY D 17 -0.95 -37.18 7.50
C GLY D 17 -0.24 -36.03 8.12
N ARG D 18 -0.68 -35.68 9.33
CA ARG D 18 -0.22 -34.45 10.02
C ARG D 18 0.52 -34.78 11.28
N ASN D 19 0.63 -36.03 11.66
CA ASN D 19 1.21 -36.41 12.97
C ASN D 19 2.70 -36.67 12.85
N LYS D 20 3.37 -37.03 13.90
CA LYS D 20 4.79 -37.34 13.91
C LYS D 20 5.06 -38.43 12.87
N GLY D 21 6.07 -38.26 12.04
CA GLY D 21 6.43 -39.25 11.01
C GLY D 21 5.51 -39.20 9.82
N GLU D 22 4.62 -38.22 9.72
CA GLU D 22 3.66 -38.12 8.61
C GLU D 22 3.87 -36.80 7.89
N PHE D 23 3.44 -36.76 6.65
CA PHE D 23 3.66 -35.63 5.76
C PHE D 23 2.42 -35.38 4.93
N THR D 24 2.22 -34.11 4.62
CA THR D 24 1.20 -33.64 3.66
C THR D 24 1.90 -33.14 2.40
N ASN D 25 2.91 -32.28 2.51
CA ASN D 25 3.63 -31.75 1.33
C ASN D 25 5.09 -31.60 1.70
N LEU D 26 5.87 -32.66 1.56
CA LEU D 26 7.34 -32.57 1.78
C LEU D 26 7.93 -31.56 0.81
N GLN D 27 8.79 -30.72 1.28
CA GLN D 27 9.43 -29.67 0.44
C GLN D 27 10.95 -29.84 0.64
N GLY D 28 11.55 -28.95 1.40
CA GLY D 28 12.96 -28.95 1.64
C GLY D 28 13.43 -30.14 2.43
N VAL D 29 14.64 -30.55 2.12
CA VAL D 29 15.37 -31.63 2.78
C VAL D 29 16.76 -31.13 3.09
N ALA D 30 17.21 -31.36 4.28
CA ALA D 30 18.60 -31.07 4.65
C ALA D 30 19.16 -32.25 5.42
N ALA D 31 20.49 -32.33 5.51
CA ALA D 31 21.16 -33.39 6.26
C ALA D 31 22.34 -32.75 6.97
N SER D 32 22.58 -33.10 8.19
CA SER D 32 23.58 -32.41 9.02
C SER D 32 24.83 -33.27 9.19
N THR D 33 25.91 -32.62 9.60
CA THR D 33 27.15 -33.30 10.02
C THR D 33 26.95 -34.05 11.32
N ASN D 34 25.93 -33.87 12.06
CA ASN D 34 25.64 -34.66 13.29
CA ASN D 34 25.73 -34.70 13.28
C ASN D 34 24.75 -35.85 12.96
N GLY D 35 24.55 -36.17 11.68
CA GLY D 35 23.86 -37.41 11.30
C GLY D 35 22.34 -37.32 11.43
N LYS D 36 21.77 -36.17 11.12
CA LYS D 36 20.31 -35.97 11.10
C LYS D 36 19.87 -35.63 9.68
N ILE D 37 18.61 -35.99 9.43
CA ILE D 37 17.85 -35.66 8.21
C ILE D 37 16.72 -34.76 8.65
N LEU D 38 16.55 -33.63 8.00
CA LEU D 38 15.55 -32.63 8.34
C LEU D 38 14.61 -32.43 7.18
N ILE D 39 13.31 -32.47 7.44
CA ILE D 39 12.28 -32.38 6.40
C ILE D 39 11.33 -31.25 6.71
N ALA D 40 11.18 -30.31 5.83
CA ALA D 40 10.15 -29.26 5.95
C ALA D 40 8.88 -29.73 5.25
N ASP D 41 7.73 -29.47 5.86
CA ASP D 41 6.42 -29.76 5.25
C ASP D 41 5.65 -28.49 5.10
N SER D 42 5.45 -28.03 3.86
CA SER D 42 4.84 -26.70 3.65
C SER D 42 3.39 -26.66 4.11
N ASN D 43 2.73 -27.81 4.09
CA ASN D 43 1.26 -27.83 4.36
C ASN D 43 0.98 -28.22 5.80
N ASN D 44 1.90 -28.86 6.49
CA ASN D 44 1.76 -29.21 7.92
C ASN D 44 2.48 -28.14 8.78
N GLN D 45 3.20 -27.17 8.20
CA GLN D 45 3.83 -26.08 8.95
C GLN D 45 4.76 -26.59 10.01
N CYS D 46 5.65 -27.50 9.62
CA CYS D 46 6.60 -28.08 10.60
C CYS D 46 7.83 -28.58 9.94
N VAL D 47 8.80 -28.80 10.77
CA VAL D 47 10.08 -29.42 10.40
C VAL D 47 10.21 -30.65 11.25
N GLN D 48 10.51 -31.78 10.66
CA GLN D 48 10.74 -33.03 11.40
C GLN D 48 12.18 -33.47 11.24
N ILE D 49 12.76 -33.95 12.32
CA ILE D 49 14.19 -34.34 12.39
C ILE D 49 14.28 -35.84 12.63
N PHE D 50 15.01 -36.52 11.79
CA PHE D 50 15.21 -37.98 11.83
C PHE D 50 16.70 -38.24 11.93
N SER D 51 17.05 -39.40 12.43
CA SER D 51 18.44 -39.89 12.29
C SER D 51 18.73 -40.22 10.83
N ASN D 52 20.00 -40.41 10.54
CA ASN D 52 20.43 -40.85 9.19
C ASN D 52 19.81 -42.20 8.83
N ASP D 53 19.49 -43.02 9.83
CA ASP D 53 18.87 -44.35 9.58
C ASP D 53 17.35 -44.30 9.64
N GLY D 54 16.77 -43.10 9.69
CA GLY D 54 15.34 -42.92 9.50
C GLY D 54 14.51 -42.90 10.78
N GLN D 55 15.12 -42.99 11.93
CA GLN D 55 14.38 -42.97 13.22
C GLN D 55 13.88 -41.54 13.46
N PHE D 56 12.63 -41.40 13.83
CA PHE D 56 12.08 -40.09 14.25
C PHE D 56 12.80 -39.58 15.49
N LYS D 57 13.24 -38.34 15.46
CA LYS D 57 13.86 -37.70 16.65
C LYS D 57 12.93 -36.63 17.21
N SER D 58 12.53 -35.64 16.43
CA SER D 58 11.78 -34.50 16.97
C SER D 58 11.05 -33.79 15.86
N ARG D 59 10.17 -32.89 16.26
CA ARG D 59 9.41 -32.02 15.37
C ARG D 59 9.38 -30.65 15.99
N PHE D 60 9.31 -29.63 15.18
CA PHE D 60 9.05 -28.28 15.68
C PHE D 60 8.29 -27.53 14.61
N GLY D 61 7.68 -26.43 15.04
CA GLY D 61 6.90 -25.59 14.16
C GLY D 61 5.60 -25.21 14.78
N ILE D 62 5.39 -23.90 14.88
CA ILE D 62 4.11 -23.34 15.38
C ILE D 62 3.45 -22.71 14.16
N ARG D 63 2.26 -23.09 13.83
CA ARG D 63 1.54 -22.58 12.66
C ARG D 63 1.21 -21.10 12.88
N GLY D 64 1.49 -20.26 11.90
CA GLY D 64 1.00 -18.89 11.90
C GLY D 64 1.85 -17.94 11.06
N ARG D 65 1.49 -16.69 11.09
CA ARG D 65 2.02 -15.66 10.18
C ARG D 65 2.89 -14.68 10.93
N SER D 66 3.17 -14.89 12.19
CA SER D 66 4.00 -13.99 13.00
C SER D 66 5.41 -14.52 13.06
N PRO D 67 6.43 -13.65 13.32
CA PRO D 67 7.77 -14.10 13.52
C PRO D 67 7.86 -15.15 14.61
N GLY D 68 8.53 -16.23 14.34
CA GLY D 68 8.61 -17.38 15.24
C GLY D 68 7.68 -18.49 14.77
N GLN D 69 6.80 -18.23 13.79
CA GLN D 69 5.81 -19.21 13.31
C GLN D 69 6.14 -19.61 11.89
N LEU D 70 5.50 -20.67 11.43
CA LEU D 70 5.63 -21.18 10.06
C LEU D 70 4.26 -21.18 9.40
N GLN D 71 4.19 -20.75 8.16
CA GLN D 71 2.95 -20.75 7.37
C GLN D 71 3.11 -21.67 6.17
N ARG D 72 4.15 -21.51 5.38
CA ARG D 72 4.41 -22.38 4.22
C ARG D 72 5.90 -22.61 4.17
N PRO D 73 6.44 -23.39 5.10
CA PRO D 73 7.89 -23.61 5.14
C PRO D 73 8.32 -24.43 3.93
N THR D 74 9.38 -24.04 3.26
CA THR D 74 9.81 -24.65 1.97
C THR D 74 11.27 -25.10 2.17
N GLY D 75 12.23 -24.25 2.00
CA GLY D 75 13.62 -24.65 2.10
C GLY D 75 14.05 -24.88 3.53
N VAL D 76 15.02 -25.79 3.72
CA VAL D 76 15.68 -26.02 5.02
C VAL D 76 17.17 -26.22 4.74
N ALA D 77 17.99 -25.68 5.61
CA ALA D 77 19.47 -25.90 5.62
C ALA D 77 19.91 -25.92 7.05
N VAL D 78 21.04 -26.55 7.29
CA VAL D 78 21.67 -26.55 8.62
C VAL D 78 22.98 -25.79 8.49
N HIS D 79 23.14 -24.80 9.35
CA HIS D 79 24.35 -23.96 9.41
C HIS D 79 25.43 -24.75 10.13
N PRO D 80 26.72 -24.48 9.88
CA PRO D 80 27.77 -25.11 10.69
C PRO D 80 27.67 -24.84 12.19
N SER D 81 26.99 -23.77 12.59
CA SER D 81 26.71 -23.47 14.01
C SER D 81 25.81 -24.51 14.64
N GLY D 82 25.02 -25.22 13.82
CA GLY D 82 23.95 -26.12 14.27
C GLY D 82 22.58 -25.48 14.12
N ASP D 83 22.53 -24.17 13.85
CA ASP D 83 21.22 -23.53 13.66
C ASP D 83 20.55 -24.16 12.43
N ILE D 84 19.24 -24.07 12.44
CA ILE D 84 18.37 -24.60 11.38
C ILE D 84 17.74 -23.41 10.69
N ILE D 85 17.89 -23.36 9.39
CA ILE D 85 17.46 -22.20 8.56
CA ILE D 85 17.47 -22.20 8.54
C ILE D 85 16.25 -22.66 7.74
N ILE D 86 15.14 -21.94 7.82
CA ILE D 86 13.87 -22.33 7.18
C ILE D 86 13.35 -21.17 6.36
N ALA D 87 13.13 -21.38 5.07
CA ALA D 87 12.47 -20.37 4.23
C ALA D 87 10.98 -20.53 4.33
N ASP D 88 10.24 -19.45 4.23
CA ASP D 88 8.77 -19.52 4.27
C ASP D 88 8.21 -18.76 3.08
N TYR D 89 7.57 -19.51 2.18
CA TYR D 89 7.05 -18.92 0.92
C TYR D 89 6.00 -17.86 1.24
N ASP D 90 5.15 -18.12 2.22
CA ASP D 90 3.99 -17.25 2.49
C ASP D 90 4.38 -16.13 3.43
N ASN D 91 5.20 -16.38 4.46
CA ASN D 91 5.57 -15.29 5.38
C ASN D 91 6.61 -14.42 4.75
N LYS D 92 7.28 -14.90 3.70
CA LYS D 92 8.27 -14.10 2.90
C LYS D 92 9.47 -13.68 3.76
N TRP D 93 9.95 -14.60 4.58
CA TRP D 93 11.21 -14.42 5.30
C TRP D 93 11.85 -15.74 5.55
N VAL D 94 13.08 -15.72 5.98
CA VAL D 94 13.89 -16.90 6.31
C VAL D 94 14.12 -16.88 7.81
N SER D 95 13.72 -17.90 8.52
CA SER D 95 13.89 -17.99 9.97
C SER D 95 15.16 -18.73 10.32
N ILE D 96 15.82 -18.32 11.38
CA ILE D 96 16.96 -19.01 11.98
C ILE D 96 16.50 -19.55 13.31
N PHE D 97 16.46 -20.85 13.46
CA PHE D 97 16.12 -21.55 14.71
C PHE D 97 17.40 -22.12 15.33
N SER D 98 17.39 -22.30 16.63
CA SER D 98 18.40 -23.13 17.29
C SER D 98 18.19 -24.57 16.90
N SER D 99 19.16 -25.44 17.20
CA SER D 99 19.08 -26.87 16.89
C SER D 99 17.94 -27.55 17.66
N ASP D 100 17.46 -26.91 18.74
CA ASP D 100 16.35 -27.39 19.60
C ASP D 100 15.01 -26.87 19.08
N GLY D 101 14.98 -26.21 17.90
CA GLY D 101 13.72 -25.78 17.29
C GLY D 101 13.18 -24.46 17.82
N LYS D 102 13.96 -23.70 18.56
CA LYS D 102 13.53 -22.43 19.15
C LYS D 102 13.88 -21.30 18.19
N PHE D 103 12.90 -20.45 17.90
CA PHE D 103 13.10 -19.32 16.97
C PHE D 103 14.12 -18.35 17.53
N LYS D 104 15.06 -17.91 16.71
CA LYS D 104 16.04 -16.84 17.10
C LYS D 104 15.74 -15.55 16.39
N THR D 105 15.90 -15.52 15.06
CA THR D 105 15.72 -14.28 14.28
C THR D 105 15.23 -14.63 12.89
N LYS D 106 14.83 -13.65 12.13
CA LYS D 106 14.45 -13.83 10.70
C LYS D 106 15.21 -12.83 9.86
N ILE D 107 15.46 -13.20 8.64
CA ILE D 107 16.16 -12.38 7.65
C ILE D 107 15.34 -12.29 6.40
N GLY D 108 15.56 -11.21 5.63
CA GLY D 108 14.90 -11.05 4.32
C GLY D 108 13.54 -10.42 4.38
N SER D 109 13.03 -10.08 5.57
CA SER D 109 11.71 -9.41 5.68
C SER D 109 11.71 -8.17 4.79
N GLY D 110 10.68 -8.04 3.96
CA GLY D 110 10.51 -6.86 3.12
C GLY D 110 11.30 -6.98 1.83
N LYS D 111 12.17 -7.98 1.68
CA LYS D 111 13.00 -8.14 0.48
C LYS D 111 12.52 -9.31 -0.38
N LEU D 112 11.96 -10.31 0.21
CA LEU D 112 11.61 -11.56 -0.49
C LEU D 112 10.18 -11.53 -0.94
N MET D 113 9.89 -12.20 -2.06
CA MET D 113 8.51 -12.36 -2.57
C MET D 113 7.98 -13.75 -2.25
N GLY D 114 8.77 -14.81 -2.38
CA GLY D 114 8.27 -16.16 -2.20
C GLY D 114 9.43 -17.14 -2.21
N PRO D 115 10.17 -17.29 -1.10
CA PRO D 115 11.37 -18.10 -1.09
C PRO D 115 11.10 -19.60 -1.04
N LYS D 116 12.00 -20.33 -1.66
CA LYS D 116 12.02 -21.81 -1.60
C LYS D 116 13.36 -22.26 -1.04
N GLY D 117 14.31 -22.60 -1.86
CA GLY D 117 15.55 -23.21 -1.35
C GLY D 117 16.39 -22.27 -0.54
N VAL D 118 17.11 -22.86 0.43
CA VAL D 118 18.15 -22.14 1.20
CA VAL D 118 18.13 -22.13 1.22
C VAL D 118 19.38 -23.02 1.30
N SER D 119 20.51 -22.40 1.30
CA SER D 119 21.79 -23.11 1.49
CA SER D 119 21.80 -23.09 1.48
C SER D 119 22.74 -22.20 2.27
N VAL D 120 23.81 -22.78 2.74
CA VAL D 120 24.86 -22.02 3.43
C VAL D 120 26.16 -22.15 2.64
N ASP D 121 26.84 -21.05 2.41
CA ASP D 121 28.07 -21.07 1.58
C ASP D 121 29.30 -21.18 2.49
N ARG D 122 30.47 -21.19 1.87
CA ARG D 122 31.72 -21.53 2.58
C ARG D 122 32.08 -20.38 3.54
N ASN D 123 31.46 -19.22 3.41
CA ASN D 123 31.66 -18.06 4.33
C ASN D 123 30.58 -18.03 5.42
N GLY D 124 29.71 -19.02 5.45
CA GLY D 124 28.60 -19.07 6.42
C GLY D 124 27.43 -18.20 6.00
N HIS D 125 27.47 -17.61 4.81
CA HIS D 125 26.36 -16.76 4.30
C HIS D 125 25.20 -17.64 3.88
N ILE D 126 24.02 -17.07 3.92
CA ILE D 126 22.77 -17.79 3.64
C ILE D 126 22.30 -17.43 2.23
N ILE D 127 22.27 -18.45 1.39
CA ILE D 127 21.77 -18.32 0.00
CA ILE D 127 21.77 -18.38 -0.01
C ILE D 127 20.26 -18.59 0.04
N VAL D 128 19.51 -17.68 -0.53
CA VAL D 128 18.03 -17.81 -0.54
C VAL D 128 17.52 -17.72 -1.97
N VAL D 129 16.84 -18.75 -2.39
CA VAL D 129 16.20 -18.79 -3.71
C VAL D 129 14.83 -18.14 -3.62
N ASP D 130 14.63 -17.02 -4.28
CA ASP D 130 13.32 -16.37 -4.28
C ASP D 130 12.58 -16.88 -5.50
N ASN D 131 11.81 -17.96 -5.31
CA ASN D 131 11.09 -18.59 -6.40
C ASN D 131 10.14 -17.61 -7.05
N LYS D 132 9.39 -16.82 -6.29
CA LYS D 132 8.37 -15.93 -6.88
C LYS D 132 9.06 -14.74 -7.60
N ALA D 133 10.10 -14.15 -7.02
CA ALA D 133 10.80 -13.01 -7.63
C ALA D 133 11.71 -13.46 -8.77
N CYS D 134 12.02 -14.76 -8.84
CA CYS D 134 12.94 -15.32 -9.86
C CYS D 134 14.30 -14.67 -9.69
N CYS D 135 14.83 -14.72 -8.49
CA CYS D 135 16.19 -14.22 -8.21
C CYS D 135 16.74 -14.97 -7.01
N VAL D 136 18.02 -14.79 -6.77
CA VAL D 136 18.76 -15.43 -5.65
C VAL D 136 19.40 -14.34 -4.82
N PHE D 137 19.27 -14.44 -3.51
CA PHE D 137 19.93 -13.53 -2.55
C PHE D 137 21.04 -14.26 -1.84
N ILE D 138 22.08 -13.51 -1.50
CA ILE D 138 23.12 -13.94 -0.53
C ILE D 138 23.06 -13.01 0.67
N PHE D 139 22.78 -13.55 1.83
CA PHE D 139 22.63 -12.80 3.10
C PHE D 139 23.75 -13.19 4.07
N GLN D 140 24.19 -12.22 4.86
CA GLN D 140 24.87 -12.54 6.12
C GLN D 140 23.85 -13.08 7.12
N PRO D 141 24.24 -13.92 8.10
CA PRO D 141 23.28 -14.37 9.11
C PRO D 141 22.62 -13.22 9.88
N ASN D 142 23.24 -12.03 9.92
CA ASN D 142 22.67 -10.86 10.62
C ASN D 142 21.63 -10.18 9.74
N GLY D 143 21.41 -10.64 8.50
CA GLY D 143 20.36 -10.09 7.63
C GLY D 143 20.84 -9.13 6.57
N LYS D 144 22.11 -8.73 6.58
CA LYS D 144 22.61 -7.81 5.53
C LYS D 144 22.68 -8.52 4.17
N ILE D 145 22.19 -7.90 3.09
CA ILE D 145 22.28 -8.47 1.71
C ILE D 145 23.69 -8.28 1.20
N VAL D 146 24.35 -9.36 0.87
CA VAL D 146 25.68 -9.37 0.21
C VAL D 146 25.47 -9.15 -1.27
N THR D 147 24.54 -9.86 -1.89
CA THR D 147 24.24 -9.61 -3.32
C THR D 147 22.93 -10.27 -3.71
N ARG D 148 22.42 -9.85 -4.84
CA ARG D 148 21.16 -10.42 -5.40
C ARG D 148 21.40 -10.57 -6.89
N PHE D 149 20.99 -11.67 -7.49
CA PHE D 149 21.18 -11.85 -8.93
C PHE D 149 19.96 -12.55 -9.52
N GLY D 150 19.64 -12.20 -10.75
CA GLY D 150 18.58 -12.85 -11.50
C GLY D 150 17.38 -11.99 -11.64
N SER D 151 16.55 -12.35 -12.61
CA SER D 151 15.22 -11.77 -12.83
C SER D 151 14.40 -12.78 -13.66
N ARG D 152 13.12 -12.55 -13.78
CA ARG D 152 12.19 -13.51 -14.38
C ARG D 152 12.40 -13.59 -15.89
N GLY D 153 12.63 -14.78 -16.40
CA GLY D 153 12.74 -15.00 -17.85
C GLY D 153 13.32 -16.32 -18.22
N ASN D 154 13.48 -16.51 -19.53
CA ASN D 154 13.99 -17.77 -20.10
C ASN D 154 15.48 -17.72 -20.41
N GLY D 155 16.11 -16.57 -20.29
CA GLY D 155 17.51 -16.36 -20.68
C GLY D 155 18.47 -16.89 -19.62
N ASP D 156 19.70 -17.10 -19.92
CA ASP D 156 20.65 -17.77 -18.99
C ASP D 156 20.86 -16.96 -17.73
N ARG D 157 20.80 -15.65 -17.79
CA ARG D 157 20.98 -14.80 -16.60
C ARG D 157 19.65 -14.51 -15.91
N GLN D 158 18.59 -15.18 -16.40
CA GLN D 158 17.22 -15.08 -15.80
C GLN D 158 16.90 -16.40 -15.10
N PHE D 159 15.76 -16.45 -14.42
CA PHE D 159 15.21 -17.68 -13.83
C PHE D 159 13.73 -17.70 -14.09
N ALA D 160 13.18 -18.91 -14.15
CA ALA D 160 11.73 -19.15 -14.33
C ALA D 160 11.29 -20.09 -13.21
N GLY D 161 10.98 -19.53 -12.07
CA GLY D 161 10.62 -20.33 -10.90
C GLY D 161 11.75 -21.16 -10.38
N PRO D 162 12.87 -20.56 -10.02
CA PRO D 162 13.98 -21.29 -9.43
C PRO D 162 13.56 -21.97 -8.12
N HIS D 163 14.12 -23.11 -7.82
CA HIS D 163 13.67 -23.91 -6.66
C HIS D 163 14.75 -24.07 -5.60
N PHE D 164 15.80 -24.87 -5.82
CA PHE D 164 16.73 -25.24 -4.76
C PHE D 164 18.15 -24.85 -5.08
N ALA D 165 19.01 -24.91 -4.09
CA ALA D 165 20.39 -24.42 -4.17
C ALA D 165 21.36 -25.38 -3.53
N ALA D 166 22.57 -25.38 -4.04
CA ALA D 166 23.70 -26.08 -3.42
C ALA D 166 24.95 -25.22 -3.58
N VAL D 167 25.97 -25.53 -2.78
CA VAL D 167 27.24 -24.79 -2.85
C VAL D 167 28.37 -25.78 -2.85
N ASN D 168 29.26 -25.66 -3.83
CA ASN D 168 30.37 -26.62 -3.96
C ASN D 168 31.61 -26.16 -3.17
N SER D 169 32.66 -26.96 -3.25
CA SER D 169 33.91 -26.72 -2.49
CA SER D 169 33.94 -26.74 -2.52
C SER D 169 34.58 -25.42 -2.95
N ASN D 170 34.27 -24.93 -4.14
CA ASN D 170 34.84 -23.67 -4.65
C ASN D 170 33.93 -22.47 -4.34
N ASN D 171 32.89 -22.66 -3.52
CA ASN D 171 31.95 -21.59 -3.11
C ASN D 171 31.14 -21.11 -4.33
N GLU D 172 30.97 -21.98 -5.32
CA GLU D 172 30.08 -21.71 -6.47
C GLU D 172 28.67 -22.16 -6.11
N ILE D 173 27.72 -21.38 -6.56
CA ILE D 173 26.28 -21.52 -6.20
C ILE D 173 25.58 -22.23 -7.36
N ILE D 174 24.86 -23.28 -7.05
CA ILE D 174 24.18 -24.14 -8.05
C ILE D 174 22.68 -24.02 -7.81
N ILE D 175 21.93 -23.63 -8.82
CA ILE D 175 20.47 -23.32 -8.70
C ILE D 175 19.71 -24.19 -9.68
N THR D 176 18.61 -24.80 -9.25
CA THR D 176 17.70 -25.50 -10.18
C THR D 176 16.70 -24.51 -10.72
N ASP D 177 16.65 -24.37 -12.03
CA ASP D 177 15.78 -23.41 -12.73
C ASP D 177 14.62 -24.15 -13.36
N PHE D 178 13.61 -24.39 -12.56
CA PHE D 178 12.50 -25.32 -12.83
C PHE D 178 11.93 -25.13 -14.21
N HIS D 179 11.39 -23.96 -14.56
CA HIS D 179 10.69 -23.80 -15.83
C HIS D 179 11.60 -23.51 -17.00
N ASN D 180 12.90 -23.41 -16.77
CA ASN D 180 13.91 -23.37 -17.87
C ASN D 180 14.59 -24.73 -18.02
N HIS D 181 14.23 -25.74 -17.27
CA HIS D 181 14.71 -27.10 -17.48
C HIS D 181 16.21 -27.10 -17.52
N SER D 182 16.87 -26.48 -16.56
CA SER D 182 18.33 -26.43 -16.51
C SER D 182 18.78 -26.16 -15.09
N VAL D 183 19.98 -26.55 -14.81
CA VAL D 183 20.72 -26.22 -13.60
C VAL D 183 21.76 -25.19 -13.93
N LYS D 184 21.85 -24.14 -13.18
CA LYS D 184 22.76 -23.02 -13.45
C LYS D 184 23.77 -22.88 -12.31
N VAL D 185 25.00 -22.62 -12.67
CA VAL D 185 26.13 -22.46 -11.74
C VAL D 185 26.68 -21.03 -11.81
N PHE D 186 26.91 -20.44 -10.66
CA PHE D 186 27.34 -19.04 -10.49
C PHE D 186 28.56 -19.02 -9.58
N ASN D 187 29.43 -18.04 -9.79
CA ASN D 187 30.48 -17.81 -8.81
C ASN D 187 29.90 -17.16 -7.58
N GLN D 188 30.74 -16.92 -6.58
CA GLN D 188 30.30 -16.42 -5.27
C GLN D 188 29.85 -14.96 -5.41
N GLU D 189 30.13 -14.28 -6.51
CA GLU D 189 29.69 -12.89 -6.81
C GLU D 189 28.34 -12.90 -7.53
N GLY D 190 27.83 -14.08 -7.85
CA GLY D 190 26.53 -14.25 -8.55
C GLY D 190 26.66 -14.13 -10.05
N GLU D 191 27.88 -14.24 -10.61
CA GLU D 191 28.06 -14.22 -12.06
C GLU D 191 27.84 -15.63 -12.66
N PHE D 192 27.05 -15.67 -13.70
CA PHE D 192 26.72 -16.93 -14.42
C PHE D 192 27.98 -17.57 -14.99
N MET D 193 28.21 -18.83 -14.69
CA MET D 193 29.38 -19.59 -15.17
C MET D 193 28.96 -20.60 -16.24
N LEU D 194 27.95 -21.42 -15.99
CA LEU D 194 27.51 -22.43 -16.96
C LEU D 194 26.16 -22.96 -16.56
N LYS D 195 25.50 -23.59 -17.48
CA LYS D 195 24.26 -24.33 -17.21
C LYS D 195 24.36 -25.69 -17.82
N PHE D 196 23.51 -26.56 -17.44
CA PHE D 196 23.43 -27.91 -17.97
C PHE D 196 22.05 -28.49 -17.81
N GLY D 197 21.75 -29.51 -18.58
CA GLY D 197 20.43 -30.10 -18.69
C GLY D 197 19.65 -29.48 -19.79
N SER D 198 18.63 -30.16 -20.25
CA SER D 198 17.66 -29.67 -21.22
C SER D 198 16.35 -30.39 -20.96
N ASN D 199 15.31 -29.91 -21.56
CA ASN D 199 13.95 -30.48 -21.38
C ASN D 199 13.82 -31.75 -22.17
N GLY D 200 13.61 -32.86 -21.51
CA GLY D 200 13.34 -34.14 -22.19
C GLY D 200 13.48 -35.29 -21.25
N GLU D 201 13.36 -36.48 -21.81
CA GLU D 201 13.35 -37.74 -21.07
C GLU D 201 14.61 -38.56 -21.41
N GLY D 202 15.52 -38.04 -22.19
CA GLY D 202 16.78 -38.72 -22.50
C GLY D 202 17.81 -38.65 -21.40
N ASN D 203 18.94 -39.31 -21.59
CA ASN D 203 20.11 -39.20 -20.69
C ASN D 203 20.48 -37.70 -20.56
N GLY D 204 20.60 -37.25 -19.33
CA GLY D 204 21.07 -35.87 -19.04
C GLY D 204 19.98 -34.85 -19.23
N GLN D 205 18.78 -35.24 -19.58
CA GLN D 205 17.62 -34.35 -19.73
C GLN D 205 16.70 -34.50 -18.54
N PHE D 206 15.92 -33.51 -18.29
CA PHE D 206 14.95 -33.61 -17.15
C PHE D 206 13.84 -32.69 -17.47
N ASN D 207 12.79 -32.77 -16.65
CA ASN D 207 11.66 -31.85 -16.76
C ASN D 207 11.45 -31.24 -15.38
N ALA D 208 11.76 -30.00 -15.24
CA ALA D 208 11.48 -29.22 -14.02
C ALA D 208 12.37 -29.73 -12.89
N PRO D 209 13.66 -29.43 -12.92
CA PRO D 209 14.55 -29.80 -11.84
C PRO D 209 14.11 -29.15 -10.52
N THR D 210 14.27 -29.88 -9.42
CA THR D 210 13.92 -29.41 -8.07
C THR D 210 15.13 -29.58 -7.15
N GLY D 211 15.19 -30.63 -6.33
CA GLY D 211 16.20 -30.79 -5.32
C GLY D 211 17.59 -30.95 -5.90
N VAL D 212 18.58 -30.43 -5.21
CA VAL D 212 19.97 -30.48 -5.67
C VAL D 212 20.94 -30.61 -4.52
N ALA D 213 22.03 -31.31 -4.80
CA ALA D 213 23.16 -31.44 -3.85
C ALA D 213 24.45 -31.56 -4.66
N VAL D 214 25.58 -31.37 -4.02
CA VAL D 214 26.88 -31.49 -4.70
C VAL D 214 27.86 -32.20 -3.79
N ASP D 215 28.51 -33.19 -4.33
CA ASP D 215 29.43 -34.06 -3.54
C ASP D 215 30.85 -33.44 -3.50
N SER D 216 31.73 -34.10 -2.76
CA SER D 216 33.07 -33.55 -2.45
C SER D 216 33.91 -33.43 -3.72
N ASN D 217 33.56 -34.16 -4.76
CA ASN D 217 34.27 -34.15 -6.07
C ASN D 217 33.58 -33.16 -7.04
N GLY D 218 32.58 -32.40 -6.60
CA GLY D 218 31.91 -31.41 -7.48
C GLY D 218 30.80 -32.02 -8.35
N ASN D 219 30.51 -33.29 -8.22
CA ASN D 219 29.40 -33.93 -8.95
C ASN D 219 28.07 -33.42 -8.37
N ILE D 220 27.13 -33.08 -9.25
CA ILE D 220 25.85 -32.42 -8.90
C ILE D 220 24.75 -33.43 -9.08
N ILE D 221 23.97 -33.64 -8.02
CA ILE D 221 22.89 -34.62 -7.94
C ILE D 221 21.57 -33.84 -7.99
N VAL D 222 20.72 -34.16 -8.94
CA VAL D 222 19.54 -33.33 -9.27
C VAL D 222 18.29 -34.20 -9.36
N ALA D 223 17.25 -33.90 -8.59
CA ALA D 223 15.92 -34.49 -8.74
C ALA D 223 15.14 -33.69 -9.75
N ASP D 224 14.26 -34.31 -10.49
CA ASP D 224 13.35 -33.48 -11.33
C ASP D 224 11.89 -33.88 -11.16
N TRP D 225 11.09 -32.90 -11.08
CA TRP D 225 9.69 -33.04 -10.68
C TRP D 225 8.90 -33.72 -11.80
N GLY D 226 9.18 -33.43 -13.05
CA GLY D 226 8.32 -33.87 -14.16
C GLY D 226 8.57 -35.31 -14.54
N ASN D 227 9.83 -35.75 -14.56
CA ASN D 227 10.13 -37.16 -14.86
C ASN D 227 10.32 -37.99 -13.60
N SER D 228 10.48 -37.33 -12.45
CA SER D 228 10.64 -38.02 -11.16
C SER D 228 11.88 -38.92 -11.19
N ARG D 229 12.99 -38.43 -11.63
CA ARG D 229 14.26 -39.17 -11.58
C ARG D 229 15.26 -38.40 -10.76
N ILE D 230 16.32 -39.07 -10.37
CA ILE D 230 17.53 -38.44 -9.82
C ILE D 230 18.67 -38.74 -10.77
N GLN D 231 19.32 -37.69 -11.26
CA GLN D 231 20.43 -37.77 -12.19
C GLN D 231 21.67 -37.12 -11.58
N VAL D 232 22.85 -37.60 -11.97
CA VAL D 232 24.16 -37.11 -11.45
C VAL D 232 24.97 -36.57 -12.63
N PHE D 233 25.54 -35.41 -12.50
CA PHE D 233 26.38 -34.72 -13.52
C PHE D 233 27.74 -34.43 -12.88
N ASP D 234 28.81 -34.33 -13.70
CA ASP D 234 30.04 -33.76 -13.14
C ASP D 234 29.95 -32.25 -13.04
N GLY D 235 30.96 -31.60 -12.46
CA GLY D 235 31.01 -30.16 -12.22
C GLY D 235 30.90 -29.34 -13.49
N SER D 236 31.28 -29.92 -14.62
CA SER D 236 31.24 -29.21 -15.92
C SER D 236 29.89 -29.40 -16.60
N GLY D 237 28.97 -30.12 -15.98
CA GLY D 237 27.61 -30.34 -16.47
C GLY D 237 27.46 -31.56 -17.35
N SER D 238 28.45 -32.45 -17.40
CA SER D 238 28.35 -33.69 -18.20
CA SER D 238 28.36 -33.69 -18.19
C SER D 238 27.55 -34.75 -17.44
N PHE D 239 26.59 -35.36 -18.07
CA PHE D 239 25.78 -36.43 -17.48
C PHE D 239 26.69 -37.60 -17.11
N LEU D 240 26.54 -38.10 -15.89
CA LEU D 240 27.27 -39.29 -15.43
C LEU D 240 26.35 -40.50 -15.34
N SER D 241 25.24 -40.42 -14.57
CA SER D 241 24.47 -41.60 -14.22
C SER D 241 23.13 -41.23 -13.60
N TYR D 242 22.26 -42.19 -13.48
CA TYR D 242 21.03 -42.12 -12.61
C TYR D 242 21.30 -42.79 -11.30
N ILE D 243 20.71 -42.28 -10.24
CA ILE D 243 20.41 -43.09 -9.04
C ILE D 243 19.23 -44.01 -9.39
N ASN D 244 19.36 -45.32 -9.11
CA ASN D 244 18.33 -46.27 -9.54
C ASN D 244 17.14 -46.19 -8.59
N THR D 245 16.02 -45.67 -9.07
CA THR D 245 14.78 -45.50 -8.30
C THR D 245 13.67 -46.38 -8.87
N SER D 246 14.04 -47.35 -9.75
CA SER D 246 13.08 -48.07 -10.58
C SER D 246 12.23 -49.06 -9.77
N ALA D 247 12.66 -49.51 -8.60
CA ALA D 247 11.93 -50.54 -7.82
C ALA D 247 10.76 -49.91 -7.04
N ASP D 248 10.94 -48.65 -6.62
CA ASP D 248 9.93 -47.92 -5.81
C ASP D 248 9.97 -46.48 -6.31
N PRO D 249 9.33 -46.21 -7.46
CA PRO D 249 9.55 -44.96 -8.16
C PRO D 249 9.14 -43.71 -7.36
N LEU D 250 9.85 -42.63 -7.65
CA LEU D 250 9.48 -41.31 -7.15
C LEU D 250 8.27 -40.79 -7.87
N TYR D 251 7.63 -39.82 -7.28
CA TYR D 251 6.47 -39.13 -7.85
C TYR D 251 6.56 -37.67 -7.41
N GLY D 252 7.09 -36.83 -8.28
CA GLY D 252 7.20 -35.39 -8.02
C GLY D 252 8.14 -35.08 -6.86
N PRO D 253 9.41 -35.50 -6.95
CA PRO D 253 10.35 -35.23 -5.87
C PRO D 253 10.64 -33.74 -5.72
N GLN D 254 10.93 -33.31 -4.50
CA GLN D 254 11.24 -31.92 -4.13
C GLN D 254 12.70 -31.89 -3.65
N GLY D 255 12.94 -31.55 -2.42
CA GLY D 255 14.30 -31.33 -1.93
C GLY D 255 15.14 -32.60 -1.97
N LEU D 256 16.44 -32.41 -1.99
CA LEU D 256 17.42 -33.48 -1.99
C LEU D 256 18.63 -33.05 -1.22
N ALA D 257 19.30 -33.97 -0.52
CA ALA D 257 20.52 -33.69 0.22
C ALA D 257 21.44 -34.89 0.24
N LEU D 258 22.72 -34.62 0.44
CA LEU D 258 23.71 -35.67 0.75
C LEU D 258 23.86 -35.79 2.26
N THR D 259 23.84 -36.99 2.79
CA THR D 259 23.92 -37.24 4.22
C THR D 259 25.40 -37.41 4.65
N SER D 260 25.61 -37.32 5.96
CA SER D 260 26.98 -37.49 6.52
C SER D 260 27.47 -38.94 6.34
N ASP D 261 26.56 -39.90 6.12
CA ASP D 261 26.97 -41.31 5.92
C ASP D 261 26.88 -41.68 4.43
N GLY D 262 26.95 -40.71 3.54
CA GLY D 262 27.24 -40.93 2.11
C GLY D 262 26.02 -41.37 1.33
N HIS D 263 24.83 -40.99 1.76
CA HIS D 263 23.58 -41.35 1.07
C HIS D 263 22.97 -40.11 0.44
N VAL D 264 22.07 -40.34 -0.47
CA VAL D 264 21.22 -39.27 -1.02
C VAL D 264 19.84 -39.44 -0.44
N VAL D 265 19.29 -38.38 0.16
CA VAL D 265 17.93 -38.36 0.69
C VAL D 265 17.11 -37.41 -0.15
N VAL D 266 15.96 -37.87 -0.57
CA VAL D 266 15.04 -37.05 -1.40
C VAL D 266 13.65 -37.01 -0.76
N ALA D 267 13.00 -35.90 -0.91
CA ALA D 267 11.57 -35.74 -0.56
C ALA D 267 10.77 -36.31 -1.71
N ASP D 268 10.17 -37.46 -1.52
CA ASP D 268 9.32 -38.09 -2.54
C ASP D 268 7.90 -37.59 -2.31
N SER D 269 7.66 -36.34 -2.64
CA SER D 269 6.50 -35.59 -2.10
CA SER D 269 6.51 -35.58 -2.10
C SER D 269 5.18 -36.23 -2.56
N GLY D 270 5.09 -36.67 -3.80
CA GLY D 270 3.85 -37.28 -4.28
C GLY D 270 3.52 -38.57 -3.57
N ASN D 271 4.50 -39.22 -2.94
CA ASN D 271 4.29 -40.47 -2.18
C ASN D 271 4.34 -40.25 -0.68
N HIS D 272 4.37 -39.01 -0.21
CA HIS D 272 4.32 -38.68 1.23
C HIS D 272 5.39 -39.45 1.99
N CYS D 273 6.62 -39.47 1.48
CA CYS D 273 7.74 -40.05 2.21
C CYS D 273 9.03 -39.40 1.79
N PHE D 274 10.06 -39.62 2.56
CA PHE D 274 11.44 -39.41 2.13
C PHE D 274 12.07 -40.77 1.90
N LYS D 275 12.99 -40.78 0.94
CA LYS D 275 13.71 -41.99 0.48
C LYS D 275 15.19 -41.75 0.55
N VAL D 276 15.89 -42.71 1.05
CA VAL D 276 17.36 -42.66 1.30
C VAL D 276 18.05 -43.70 0.43
N TYR D 277 18.95 -43.24 -0.42
CA TYR D 277 19.63 -44.02 -1.47
C TYR D 277 21.11 -44.17 -1.21
N ARG D 278 21.62 -45.33 -1.61
CA ARG D 278 23.07 -45.54 -1.79
C ARG D 278 23.62 -44.53 -2.80
N TYR D 279 24.81 -44.05 -2.52
CA TYR D 279 25.53 -43.10 -3.39
C TYR D 279 27.04 -43.36 -3.28
N LEU D 280 27.65 -43.12 -2.13
CA LEU D 280 29.15 -43.11 -2.02
C LEU D 280 29.66 -44.56 -1.99
N GLN D 281 28.86 -45.49 -1.46
CA GLN D 281 29.21 -46.93 -1.38
C GLN D 281 28.04 -47.72 -2.00
C1 EDO E . -23.94 -12.94 -13.06
O1 EDO E . -25.24 -12.51 -12.61
C2 EDO E . -23.91 -14.40 -13.30
O2 EDO E . -24.83 -14.79 -14.29
C1 EDO F . -18.68 2.84 -6.93
O1 EDO F . -19.96 2.41 -7.35
C2 EDO F . -17.76 3.05 -8.07
O2 EDO F . -17.65 4.40 -8.46
C1 EDO G . -0.58 -9.58 -3.54
O1 EDO G . -1.06 -8.72 -2.52
C2 EDO G . -1.29 -10.86 -3.57
O2 EDO G . -2.59 -10.69 -3.09
C1 EDO H . 2.22 -8.23 -5.81
O1 EDO H . 1.04 -9.00 -5.77
C2 EDO H . 3.33 -8.81 -5.03
O2 EDO H . 3.21 -10.19 -4.81
C1 EDO I . 1.50 -14.97 -10.55
O1 EDO I . 0.28 -15.65 -10.54
C2 EDO I . 2.16 -14.78 -9.25
O2 EDO I . 2.49 -16.00 -8.62
C1 EDO J . -19.20 -8.62 -22.60
O1 EDO J . -20.19 -9.08 -23.51
C2 EDO J . -19.30 -9.28 -21.28
O2 EDO J . -19.71 -10.65 -21.36
C1 EDO K . -0.69 -16.70 -7.01
O1 EDO K . -1.29 -16.25 -8.19
C2 EDO K . -1.07 -15.93 -5.80
O2 EDO K . -0.74 -14.54 -5.89
C1 EDO L . -0.58 -29.87 -36.65
O1 EDO L . -0.98 -28.63 -36.10
C2 EDO L . 0.74 -29.83 -37.31
O2 EDO L . 0.65 -29.66 -38.70
C1 EDO M . 6.02 -8.32 -9.84
O1 EDO M . 7.08 -7.80 -9.04
C2 EDO M . 4.74 -7.69 -9.56
O2 EDO M . 4.72 -6.44 -10.17
C1 EDO N . 19.09 9.08 22.91
O1 EDO N . 17.70 8.77 23.01
C2 EDO N . 19.32 10.09 21.88
O2 EDO N . 18.09 10.59 21.36
C1 EDO O . 11.33 36.13 21.32
O1 EDO O . 11.66 35.35 22.44
C2 EDO O . 9.88 36.42 21.28
O2 EDO O . 9.18 36.05 22.44
C1 EDO P . -0.84 10.28 2.84
O1 EDO P . -1.72 11.37 2.97
C2 EDO P . 0.16 10.20 3.94
O2 EDO P . -0.40 9.69 5.15
C1 EDO Q . -0.24 16.38 6.93
O1 EDO Q . -1.40 17.20 7.09
C2 EDO Q . 0.95 16.85 7.74
O2 EDO Q . 0.82 16.80 9.13
C1 EDO R . -10.46 29.29 17.19
O1 EDO R . -10.14 27.93 17.45
C2 EDO R . -11.87 29.54 16.75
O2 EDO R . -12.45 28.52 15.97
C1 EDO S . -15.17 26.21 16.82
O1 EDO S . -13.93 26.48 17.44
C2 EDO S . -14.99 25.77 15.43
O2 EDO S . -14.02 24.76 15.33
C1 EDO T . -8.19 26.46 10.82
O1 EDO T . -7.70 25.11 10.88
C2 EDO T . -8.28 26.90 9.42
O2 EDO T . -9.31 26.27 8.67
C1 EDO U . -32.84 16.28 17.61
O1 EDO U . -34.06 16.66 18.36
C2 EDO U . -32.52 16.96 16.27
O2 EDO U . -32.75 18.39 16.28
C1 EDO V . -27.27 34.00 -5.31
O1 EDO V . -26.69 33.40 -4.19
C2 EDO V . -26.77 35.35 -5.46
O2 EDO V . -25.36 35.41 -5.58
C1 EDO W . -17.99 4.37 9.22
C1 EDO W . -17.90 5.09 9.13
O1 EDO W . -18.99 3.61 9.69
O1 EDO W . -16.59 5.36 9.18
C2 EDO W . -17.78 4.07 7.90
C2 EDO W . -18.05 4.01 8.25
O2 EDO W . -18.86 4.33 7.07
O2 EDO W . -18.65 4.39 7.09
C1 EDO X . 5.93 -23.17 -10.73
O1 EDO X . 6.48 -24.37 -10.22
C2 EDO X . 6.59 -21.99 -10.18
O2 EDO X . 7.83 -22.25 -9.71
C1 EDO Y . 6.67 -27.82 -8.04
O1 EDO Y . 7.23 -27.18 -6.92
C2 EDO Y . 5.22 -28.00 -8.05
O2 EDO Y . 4.54 -26.75 -7.97
C1 EDO Z . 4.82 -34.93 -11.06
O1 EDO Z . 5.71 -35.96 -11.32
C2 EDO Z . 4.59 -34.20 -12.32
O2 EDO Z . 3.43 -34.63 -12.99
C1 EDO AA . 2.35 -33.22 -2.14
O1 EDO AA . 1.15 -32.55 -1.86
C2 EDO AA . 2.36 -33.82 -3.48
O2 EDO AA . 1.20 -34.59 -3.74
C1 EDO BA . 27.02 -34.15 4.79
O1 EDO BA . 27.24 -33.45 3.59
C2 EDO BA . 25.79 -33.74 5.51
O2 EDO BA . 25.91 -32.48 6.12
C1 EDO CA . 20.63 -29.48 13.41
O1 EDO CA . 21.79 -28.96 14.10
C2 EDO CA . 20.44 -30.98 13.47
O2 EDO CA . 21.64 -31.77 13.42
C1 EDO DA . 29.90 -17.17 -19.70
O1 EDO DA . 30.01 -16.30 -18.58
C2 EDO DA . 28.59 -17.44 -20.03
O2 EDO DA . 27.92 -16.28 -20.19
#